data_2NWX
#
_entry.id   2NWX
#
_cell.length_a   115.473
_cell.length_b   115.473
_cell.length_c   324.227
_cell.angle_alpha   90.000
_cell.angle_beta   90.000
_cell.angle_gamma   120.000
#
_symmetry.space_group_name_H-M   'P 61'
#
loop_
_entity.id
_entity.type
_entity.pdbx_description
1 polymer '425aa long hypothetical proton glutamate symport protein'
2 non-polymer 'SODIUM ION'
3 non-polymer 'ASPARTIC ACID'
4 non-polymer 'PALMITIC ACID'
5 water water
#
_entity_poly.entity_id   1
_entity_poly.type   'polypeptide(L)'
_entity_poly.pdbx_seq_one_letter_code
;MGLYRKYIEYPVLQKILIGLILGAIVGLILGHYGYAHAVHTYVKPFGDLFVRLLKMLVMPIVFASLVVGAASISPARLGR
VGVKIVVYYLLTSAFAVTLGIIMARLFNPGAGIHLAVGGQQFQPHQAPPLVHILLDIVPTNPFGALANGQVLPTIFFAII
LGIAITYLMNSENEKVRKSAETLLDAINGLAEAMYKIVNGVMQYAPIGVFALIAYVMAEQGVHVVGELAKVTAAVYVGLT
LQILLVYFVLLKIYGIDPISFIKHAKDAMLTAFVTRSSSGTLPVTMRVAKEMGISEGIYSFTLPLGATINMDGTALYQGV
CTFFIANALGSHLTVGQQLTIVLTAVLASIGTAGVPGAGAIMLAMVLHSVGLPLTDPNVAAAYAMILGIDAILDMGRTMV
NVTGDLTGTAIVAKTEGTLVPR
;
_entity_poly.pdbx_strand_id   A,B,C
#
# COMPACT_ATOMS: atom_id res chain seq x y z
N VAL A 12 -10.14 9.82 36.45
CA VAL A 12 -9.37 11.07 36.14
C VAL A 12 -8.15 10.93 35.16
N LEU A 13 -7.68 12.06 34.62
CA LEU A 13 -6.43 12.13 33.83
C LEU A 13 -5.27 12.64 34.71
N GLN A 14 -5.29 12.20 35.96
CA GLN A 14 -4.21 12.35 36.90
C GLN A 14 -3.80 10.93 37.25
N LYS A 15 -4.58 9.98 36.72
CA LYS A 15 -4.22 8.56 36.70
C LYS A 15 -2.99 8.34 35.77
N ILE A 16 -2.80 9.29 34.86
CA ILE A 16 -1.59 9.36 34.05
C ILE A 16 -0.42 9.69 34.96
N LEU A 17 -0.58 10.73 35.77
CA LEU A 17 0.48 11.17 36.67
C LEU A 17 0.73 10.16 37.77
N ILE A 18 -0.32 9.44 38.13
CA ILE A 18 -0.25 8.32 39.08
C ILE A 18 0.52 7.17 38.44
N GLY A 19 0.31 6.97 37.13
CA GLY A 19 1.05 5.97 36.35
C GLY A 19 2.47 6.40 36.04
N LEU A 20 2.62 7.64 35.59
CA LEU A 20 3.93 8.23 35.33
C LEU A 20 4.84 8.25 36.55
N ILE A 21 4.30 8.57 37.72
CA ILE A 21 5.14 8.65 38.90
C ILE A 21 5.42 7.27 39.49
N LEU A 22 4.38 6.48 39.64
CA LEU A 22 4.54 5.09 40.04
C LEU A 22 5.51 4.37 39.09
N GLY A 23 5.25 4.46 37.78
CA GLY A 23 6.12 3.83 36.80
C GLY A 23 7.55 4.32 36.79
N ALA A 24 7.77 5.62 36.88
CA ALA A 24 9.12 6.18 36.92
C ALA A 24 9.85 5.58 38.11
N ILE A 25 9.16 5.44 39.23
CA ILE A 25 9.76 4.89 40.43
C ILE A 25 9.98 3.37 40.31
N VAL A 26 8.91 2.60 40.07
CA VAL A 26 8.96 1.14 39.94
C VAL A 26 10.05 0.78 38.94
N GLY A 27 10.06 1.52 37.84
CA GLY A 27 11.08 1.40 36.81
C GLY A 27 12.46 1.63 37.38
N LEU A 28 12.75 2.86 37.76
CA LEU A 28 14.05 3.24 38.25
C LEU A 28 14.67 2.21 39.20
N ILE A 29 13.87 1.69 40.12
CA ILE A 29 14.30 0.67 41.08
C ILE A 29 14.73 -0.67 40.44
N LEU A 30 13.81 -1.28 39.71
CA LEU A 30 14.02 -2.60 39.15
C LEU A 30 15.24 -2.67 38.22
N GLY A 31 15.59 -1.53 37.63
CA GLY A 31 16.71 -1.45 36.71
C GLY A 31 18.01 -1.28 37.42
N HIS A 32 17.93 -0.83 38.68
CA HIS A 32 19.12 -0.73 39.54
C HIS A 32 19.48 -2.13 40.07
N TYR A 33 18.50 -3.03 39.99
CA TYR A 33 18.65 -4.37 40.50
C TYR A 33 18.72 -5.39 39.36
N GLY A 34 19.31 -4.94 38.25
CA GLY A 34 19.58 -5.77 37.07
C GLY A 34 18.38 -6.43 36.41
N TYR A 35 17.18 -5.85 36.61
CA TYR A 35 16.00 -6.42 36.00
C TYR A 35 15.54 -5.61 34.81
N ALA A 36 16.52 -5.07 34.09
CA ALA A 36 16.27 -4.41 32.82
C ALA A 36 15.50 -5.34 31.90
N HIS A 37 15.65 -6.64 32.15
CA HIS A 37 15.06 -7.64 31.29
C HIS A 37 13.78 -8.25 31.82
N ALA A 38 13.56 -8.12 33.13
CA ALA A 38 12.25 -8.48 33.65
C ALA A 38 11.25 -7.45 33.15
N VAL A 39 11.68 -6.20 33.03
CA VAL A 39 10.85 -5.13 32.51
C VAL A 39 10.62 -5.36 31.04
N HIS A 40 11.70 -5.33 30.26
CA HIS A 40 11.62 -5.39 28.79
C HIS A 40 10.80 -6.57 28.28
N THR A 41 10.88 -7.69 28.99
CA THR A 41 10.11 -8.84 28.57
C THR A 41 8.67 -8.78 29.09
N TYR A 42 8.41 -8.00 30.13
CA TYR A 42 7.12 -8.09 30.85
C TYR A 42 6.24 -6.86 30.91
N VAL A 43 6.84 -5.68 30.78
CA VAL A 43 6.15 -4.44 31.00
C VAL A 43 6.09 -3.61 29.71
N LYS A 44 7.19 -3.57 28.95
CA LYS A 44 7.26 -2.77 27.71
C LYS A 44 6.37 -3.19 26.52
N PRO A 45 5.65 -4.35 26.59
CA PRO A 45 4.57 -4.56 25.60
C PRO A 45 3.33 -3.67 25.81
N PHE A 46 2.91 -3.52 27.07
CA PHE A 46 1.76 -2.69 27.41
C PHE A 46 2.00 -1.27 26.98
N GLY A 47 3.23 -0.79 27.21
CA GLY A 47 3.68 0.50 26.72
C GLY A 47 3.68 0.60 25.20
N ASP A 48 3.94 -0.50 24.53
CA ASP A 48 3.97 -0.50 23.08
C ASP A 48 2.59 -0.65 22.51
N LEU A 49 1.74 -1.40 23.21
CA LEU A 49 0.36 -1.57 22.80
C LEU A 49 -0.27 -0.20 22.64
N PHE A 50 -0.11 0.61 23.67
CA PHE A 50 -0.60 1.98 23.73
C PHE A 50 -0.18 2.70 22.46
N VAL A 51 1.08 2.55 22.10
CA VAL A 51 1.63 3.24 20.94
C VAL A 51 1.06 2.72 19.66
N ARG A 52 0.98 1.41 19.51
CA ARG A 52 0.36 0.77 18.35
C ARG A 52 -0.95 1.46 18.00
N LEU A 53 -1.78 1.63 19.03
CA LEU A 53 -3.10 2.23 18.94
C LEU A 53 -3.00 3.62 18.36
N LEU A 54 -2.22 4.46 19.01
CA LEU A 54 -2.06 5.84 18.57
C LEU A 54 -1.47 5.97 17.17
N LYS A 55 -0.75 4.94 16.72
CA LYS A 55 -0.21 4.96 15.37
C LYS A 55 -1.38 4.75 14.43
N MET A 56 -2.17 3.74 14.78
CA MET A 56 -3.35 3.37 14.02
C MET A 56 -4.10 4.60 13.56
N LEU A 57 -4.34 5.53 14.49
CA LEU A 57 -5.19 6.72 14.22
C LEU A 57 -4.53 7.76 13.37
N VAL A 58 -3.19 7.80 13.32
CA VAL A 58 -2.51 8.98 12.76
C VAL A 58 -2.79 9.13 11.31
N MET A 59 -2.85 8.05 10.59
CA MET A 59 -2.99 8.23 9.17
C MET A 59 -4.35 8.82 8.77
N PRO A 60 -5.44 8.19 9.21
CA PRO A 60 -6.76 8.76 8.87
C PRO A 60 -7.01 10.17 9.46
N ILE A 61 -6.86 10.31 10.77
CA ILE A 61 -7.04 11.56 11.41
C ILE A 61 -6.31 12.64 10.67
N VAL A 62 -5.12 12.36 10.15
CA VAL A 62 -4.36 13.43 9.51
C VAL A 62 -4.91 13.81 8.16
N PHE A 63 -5.26 12.80 7.38
CA PHE A 63 -5.78 12.99 6.03
C PHE A 63 -7.11 13.63 6.04
N ALA A 64 -8.05 12.98 6.72
CA ALA A 64 -9.43 13.51 6.85
C ALA A 64 -9.54 14.95 7.36
N SER A 65 -9.05 15.19 8.57
CA SER A 65 -8.99 16.53 9.10
C SER A 65 -8.36 17.58 8.21
N LEU A 66 -7.57 17.21 7.24
CA LEU A 66 -6.98 18.26 6.46
C LEU A 66 -7.87 18.55 5.27
N VAL A 67 -8.58 17.55 4.80
CA VAL A 67 -9.46 17.75 3.66
C VAL A 67 -10.62 18.64 4.11
N VAL A 68 -11.20 18.29 5.27
CA VAL A 68 -12.23 19.07 5.96
C VAL A 68 -11.64 20.39 6.48
N GLY A 69 -10.41 20.40 6.93
CA GLY A 69 -9.72 21.67 7.13
C GLY A 69 -9.40 22.50 5.87
N ALA A 70 -9.70 22.00 4.67
CA ALA A 70 -9.85 22.91 3.53
C ALA A 70 -11.35 23.23 3.34
N ALA A 71 -12.06 23.36 4.48
CA ALA A 71 -13.22 24.28 4.71
C ALA A 71 -12.78 25.69 4.37
N SER A 72 -12.10 26.32 5.33
CA SER A 72 -11.52 27.68 5.22
C SER A 72 -10.91 28.22 3.89
N ILE A 73 -10.69 29.55 3.90
CA ILE A 73 -10.29 30.36 2.72
C ILE A 73 -9.04 29.81 2.07
N SER A 74 -9.17 29.53 0.78
CA SER A 74 -8.05 29.08 -0.02
C SER A 74 -6.81 29.99 0.05
N PRO A 75 -6.82 31.19 -0.61
CA PRO A 75 -5.53 31.90 -0.76
C PRO A 75 -4.89 32.39 0.56
N ALA A 76 -5.65 33.12 1.36
CA ALA A 76 -5.21 33.41 2.71
C ALA A 76 -5.59 32.19 3.49
N ARG A 77 -5.85 32.38 4.78
CA ARG A 77 -5.70 31.30 5.74
C ARG A 77 -4.44 30.52 5.29
N LEU A 78 -4.67 29.37 4.65
CA LEU A 78 -3.60 28.52 4.18
C LEU A 78 -2.35 29.33 3.87
N GLY A 79 -2.39 30.13 2.81
CA GLY A 79 -1.26 30.95 2.40
C GLY A 79 -0.64 31.67 3.58
N ARG A 80 -1.39 32.55 4.22
CA ARG A 80 -0.87 33.32 5.36
C ARG A 80 -0.48 32.39 6.49
N VAL A 81 -1.35 31.46 6.83
CA VAL A 81 -1.10 30.57 7.96
C VAL A 81 0.19 29.73 7.74
N GLY A 82 0.34 29.13 6.56
CA GLY A 82 1.56 28.43 6.19
C GLY A 82 2.70 29.34 6.54
N VAL A 83 2.82 30.43 5.81
CA VAL A 83 3.90 31.39 5.97
C VAL A 83 4.12 31.83 7.40
N LYS A 84 3.04 32.02 8.13
CA LYS A 84 3.16 32.38 9.52
C LYS A 84 3.80 31.25 10.28
N ILE A 85 3.22 30.07 10.16
CA ILE A 85 3.69 28.96 10.97
C ILE A 85 5.12 28.53 10.63
N VAL A 86 5.43 28.47 9.33
CA VAL A 86 6.80 28.32 8.83
C VAL A 86 7.75 29.31 9.50
N VAL A 87 7.46 30.61 9.37
CA VAL A 87 8.27 31.65 10.03
C VAL A 87 8.30 31.48 11.52
N TYR A 88 7.18 31.05 12.07
CA TYR A 88 7.13 30.84 13.47
C TYR A 88 8.14 29.77 13.81
N TYR A 89 8.05 28.65 13.08
CA TYR A 89 8.79 27.41 13.37
C TYR A 89 10.30 27.59 13.33
N LEU A 90 10.78 28.26 12.27
CA LEU A 90 12.20 28.59 12.09
C LEU A 90 12.81 29.29 13.27
N LEU A 91 12.15 30.31 13.77
CA LEU A 91 12.73 31.13 14.80
C LEU A 91 12.67 30.45 16.14
N THR A 92 11.65 29.65 16.35
CA THR A 92 11.53 28.91 17.60
C THR A 92 12.63 27.91 17.73
N SER A 93 12.92 27.23 16.62
CA SER A 93 14.03 26.28 16.50
C SER A 93 15.38 27.01 16.58
N ALA A 94 15.62 28.01 15.74
CA ALA A 94 16.86 28.80 15.78
C ALA A 94 17.14 29.35 17.15
N PHE A 95 16.11 29.63 17.91
CA PHE A 95 16.34 30.01 19.27
C PHE A 95 16.81 28.79 20.05
N ALA A 96 16.03 27.72 19.96
CA ALA A 96 16.18 26.54 20.80
C ALA A 96 17.62 26.06 20.94
N VAL A 97 18.35 26.07 19.83
CA VAL A 97 19.74 25.66 19.83
C VAL A 97 20.57 26.63 20.64
N THR A 98 20.39 27.92 20.37
CA THR A 98 21.15 28.96 21.04
C THR A 98 20.96 28.92 22.54
N LEU A 99 19.76 28.54 22.93
CA LEU A 99 19.47 28.25 24.32
C LEU A 99 20.26 27.02 24.83
N GLY A 100 20.42 26.00 23.98
CA GLY A 100 21.22 24.81 24.31
C GLY A 100 22.73 25.03 24.21
N ILE A 101 23.14 26.02 23.42
CA ILE A 101 24.54 26.42 23.37
C ILE A 101 24.88 27.01 24.73
N ILE A 102 23.99 27.87 25.21
CA ILE A 102 24.16 28.64 26.43
C ILE A 102 24.08 27.76 27.65
N MET A 103 23.37 26.65 27.51
CA MET A 103 23.30 25.67 28.57
C MET A 103 24.57 24.84 28.68
N ALA A 104 25.30 24.76 27.58
CA ALA A 104 26.47 23.92 27.53
C ALA A 104 27.72 24.74 27.66
N ARG A 105 27.57 26.05 27.67
CA ARG A 105 28.65 26.91 28.09
C ARG A 105 28.54 27.03 29.60
N LEU A 106 27.30 26.90 30.10
CA LEU A 106 26.96 27.07 31.50
C LEU A 106 27.38 25.85 32.31
N PHE A 107 26.67 24.75 32.09
CA PHE A 107 27.16 23.47 32.53
C PHE A 107 28.24 23.17 31.51
N ASN A 108 29.39 22.68 31.96
CA ASN A 108 30.47 22.37 31.04
C ASN A 108 30.71 20.89 31.02
N PRO A 109 30.01 20.17 30.12
CA PRO A 109 29.97 18.71 30.07
C PRO A 109 31.07 18.09 29.17
N GLY A 110 32.27 17.97 29.73
CA GLY A 110 33.40 17.37 29.06
C GLY A 110 34.70 17.81 29.69
N ALA A 111 35.09 17.15 30.77
CA ALA A 111 36.45 17.23 31.30
C ALA A 111 37.16 15.86 31.12
N GLY A 112 36.66 14.85 31.84
CA GLY A 112 37.10 13.46 31.72
C GLY A 112 37.17 13.01 30.28
N ILE A 113 38.37 12.55 29.88
CA ILE A 113 38.69 12.16 28.49
C ILE A 113 37.94 10.89 28.07
N HIS A 114 37.24 10.94 26.93
CA HIS A 114 36.41 9.85 26.40
C HIS A 114 37.23 8.59 26.42
N LEU A 115 37.10 7.83 27.50
CA LEU A 115 38.09 6.83 27.85
C LEU A 115 38.31 5.73 26.77
N ALA A 116 37.48 4.68 26.78
CA ALA A 116 37.60 3.53 25.85
C ALA A 116 37.32 3.88 24.37
N VAL A 117 38.09 3.31 23.46
CA VAL A 117 37.85 3.50 22.03
C VAL A 117 37.52 2.14 21.36
N GLY A 118 36.59 2.11 20.40
CA GLY A 118 36.15 0.87 19.71
C GLY A 118 34.73 0.31 19.96
N GLY A 119 33.73 0.84 19.25
CA GLY A 119 32.35 0.27 19.23
C GLY A 119 31.48 1.11 18.33
N GLN A 120 31.69 1.01 17.01
CA GLN A 120 31.52 2.16 16.09
C GLN A 120 30.49 2.15 14.90
N GLN A 121 30.45 3.30 14.19
CA GLN A 121 29.27 3.76 13.42
C GLN A 121 29.59 4.25 12.00
N PHE A 122 28.70 3.89 11.07
CA PHE A 122 28.82 4.23 9.63
C PHE A 122 28.53 5.71 9.31
N PRO A 128 21.50 13.12 2.24
CA PRO A 128 20.38 13.03 1.26
C PRO A 128 20.28 14.27 0.34
N PRO A 129 19.82 14.08 -0.91
CA PRO A 129 20.07 15.06 -1.97
C PRO A 129 19.29 16.37 -1.88
N LEU A 130 18.58 16.59 -0.77
CA LEU A 130 17.79 17.81 -0.51
C LEU A 130 16.68 18.06 -1.53
N VAL A 131 17.07 18.25 -2.77
CA VAL A 131 16.16 18.42 -3.87
C VAL A 131 15.35 17.17 -4.04
N HIS A 132 16.02 16.04 -4.08
CA HIS A 132 15.29 14.80 -4.10
C HIS A 132 14.73 14.52 -2.69
N ILE A 133 14.31 15.59 -2.00
CA ILE A 133 13.47 15.46 -0.80
C ILE A 133 12.22 16.32 -1.00
N LEU A 134 12.43 17.53 -1.53
CA LEU A 134 11.34 18.44 -1.84
C LEU A 134 10.43 17.83 -2.85
N LEU A 135 10.98 17.32 -3.94
CA LEU A 135 10.16 16.59 -4.90
C LEU A 135 9.36 15.45 -4.27
N ASP A 136 9.81 14.95 -3.14
CA ASP A 136 9.20 13.76 -2.51
C ASP A 136 8.01 14.12 -1.64
N ILE A 137 7.79 15.41 -1.46
CA ILE A 137 6.58 15.92 -0.81
C ILE A 137 5.38 15.76 -1.74
N VAL A 138 5.55 16.01 -3.02
CA VAL A 138 4.48 15.75 -3.95
C VAL A 138 4.44 14.26 -4.19
N PRO A 139 3.41 13.57 -3.67
CA PRO A 139 3.31 12.13 -3.87
C PRO A 139 3.10 11.77 -5.34
N THR A 140 3.37 10.52 -5.67
CA THR A 140 3.21 10.06 -7.04
C THR A 140 2.01 9.11 -7.11
N ASN A 141 1.53 8.74 -5.94
CA ASN A 141 0.35 7.90 -5.80
C ASN A 141 -0.09 8.06 -4.38
N PRO A 142 -1.20 8.78 -4.18
CA PRO A 142 -1.70 9.18 -2.89
C PRO A 142 -2.24 8.03 -2.05
N PHE A 143 -2.63 6.93 -2.68
CA PHE A 143 -2.95 5.74 -1.90
C PHE A 143 -1.67 5.06 -1.42
N GLY A 144 -0.61 5.17 -2.20
CA GLY A 144 0.66 4.67 -1.75
C GLY A 144 1.01 5.44 -0.50
N ALA A 145 1.14 6.74 -0.66
CA ALA A 145 1.53 7.65 0.42
C ALA A 145 0.75 7.40 1.69
N LEU A 146 -0.52 7.10 1.51
CA LEU A 146 -1.40 6.79 2.63
C LEU A 146 -1.02 5.46 3.33
N ALA A 147 -0.83 4.44 2.51
CA ALA A 147 -0.68 3.10 3.02
C ALA A 147 0.73 2.89 3.57
N ASN A 148 1.63 3.80 3.27
CA ASN A 148 2.99 3.73 3.81
C ASN A 148 3.33 4.93 4.66
N GLY A 149 2.74 5.11 5.86
CA GLY A 149 3.03 6.32 6.69
C GLY A 149 2.99 7.56 5.82
N GLN A 150 4.04 8.38 5.87
CA GLN A 150 4.28 9.47 4.87
C GLN A 150 3.31 10.65 4.99
N VAL A 151 3.13 11.09 6.23
CA VAL A 151 2.43 12.30 6.61
C VAL A 151 2.66 13.43 5.61
N LEU A 152 3.90 13.74 5.28
CA LEU A 152 4.16 14.94 4.55
C LEU A 152 3.55 15.03 3.15
N PRO A 153 3.73 14.00 2.31
CA PRO A 153 3.08 14.04 0.99
C PRO A 153 1.59 13.96 1.10
N THR A 154 1.13 13.18 2.05
CA THR A 154 -0.27 13.14 2.44
C THR A 154 -0.81 14.56 2.63
N ILE A 155 -0.23 15.31 3.59
CA ILE A 155 -0.59 16.71 3.85
C ILE A 155 -0.75 17.41 2.53
N PHE A 156 0.30 17.37 1.71
CA PHE A 156 0.30 18.08 0.45
C PHE A 156 -0.91 17.70 -0.35
N PHE A 157 -1.18 16.42 -0.51
CA PHE A 157 -2.30 16.05 -1.30
C PHE A 157 -3.63 16.38 -0.66
N ALA A 158 -3.75 16.08 0.65
CA ALA A 158 -4.99 16.30 1.44
C ALA A 158 -5.52 17.71 1.29
N ILE A 159 -4.61 18.68 1.37
CA ILE A 159 -4.87 20.07 1.00
C ILE A 159 -5.43 20.18 -0.39
N ILE A 160 -4.67 19.75 -1.38
CA ILE A 160 -5.10 19.86 -2.78
C ILE A 160 -6.48 19.27 -2.98
N LEU A 161 -6.76 18.12 -2.36
CA LEU A 161 -8.10 17.54 -2.45
C LEU A 161 -9.17 18.43 -1.80
N GLY A 162 -8.98 18.72 -0.50
CA GLY A 162 -9.84 19.63 0.25
C GLY A 162 -10.19 20.95 -0.43
N ILE A 163 -9.26 21.49 -1.22
CA ILE A 163 -9.50 22.69 -2.00
C ILE A 163 -10.30 22.43 -3.27
N ALA A 164 -9.95 21.41 -4.04
CA ALA A 164 -10.72 21.07 -5.21
C ALA A 164 -12.15 20.79 -4.81
N ILE A 165 -12.36 20.26 -3.61
CA ILE A 165 -13.72 20.02 -3.11
C ILE A 165 -14.52 21.33 -2.93
N THR A 166 -13.93 22.28 -2.20
CA THR A 166 -14.53 23.60 -2.01
C THR A 166 -15.04 24.16 -3.35
N TYR A 167 -14.15 24.30 -4.32
CA TYR A 167 -14.48 24.77 -5.68
C TYR A 167 -15.50 23.92 -6.40
N LEU A 168 -15.55 22.63 -6.10
CA LEU A 168 -16.49 21.75 -6.78
C LEU A 168 -17.89 22.03 -6.30
N MET A 169 -18.00 22.42 -5.02
CA MET A 169 -19.29 22.65 -4.37
C MET A 169 -20.03 23.92 -4.85
N ASN A 170 -19.25 24.95 -5.21
CA ASN A 170 -19.74 26.18 -5.86
C ASN A 170 -19.82 26.08 -7.39
N SER A 171 -20.05 24.88 -7.90
CA SER A 171 -20.24 24.68 -9.34
C SER A 171 -21.68 25.01 -9.70
N GLU A 172 -21.87 25.49 -10.93
CA GLU A 172 -23.21 25.72 -11.50
C GLU A 172 -24.00 24.39 -11.58
N ASN A 173 -23.37 23.37 -12.16
CA ASN A 173 -23.90 22.00 -12.11
C ASN A 173 -24.12 21.57 -10.66
N GLU A 174 -25.30 21.03 -10.39
CA GLU A 174 -25.65 20.65 -9.01
C GLU A 174 -25.64 19.13 -8.78
N LYS A 175 -25.23 18.38 -9.80
CA LYS A 175 -24.85 16.98 -9.64
C LYS A 175 -23.39 16.97 -9.18
N VAL A 176 -22.57 17.83 -9.80
CA VAL A 176 -21.21 18.11 -9.32
C VAL A 176 -21.26 18.53 -7.86
N ARG A 177 -22.03 19.57 -7.55
CA ARG A 177 -22.17 20.01 -6.16
C ARG A 177 -22.89 19.03 -5.23
N LYS A 178 -23.66 18.08 -5.78
CA LYS A 178 -24.31 17.03 -4.98
C LYS A 178 -23.29 16.07 -4.40
N SER A 179 -22.64 15.32 -5.30
CA SER A 179 -21.55 14.38 -4.98
C SER A 179 -20.40 15.00 -4.20
N ALA A 180 -20.00 16.22 -4.56
CA ALA A 180 -18.92 16.87 -3.85
C ALA A 180 -19.23 17.00 -2.38
N GLU A 181 -20.41 17.50 -2.04
CA GLU A 181 -20.75 17.69 -0.62
C GLU A 181 -20.83 16.34 0.07
N THR A 182 -21.28 15.35 -0.69
CA THR A 182 -21.38 13.97 -0.26
C THR A 182 -20.01 13.51 0.25
N LEU A 183 -19.03 13.51 -0.66
CA LEU A 183 -17.67 13.08 -0.40
C LEU A 183 -17.14 13.79 0.85
N LEU A 184 -17.14 15.12 0.81
CA LEU A 184 -16.61 15.91 1.89
C LEU A 184 -17.20 15.52 3.23
N ASP A 185 -18.40 14.97 3.20
CA ASP A 185 -19.04 14.54 4.43
C ASP A 185 -18.44 13.28 4.99
N ALA A 186 -18.48 12.19 4.22
CA ALA A 186 -17.93 10.93 4.70
C ALA A 186 -16.55 11.16 5.30
N ILE A 187 -15.72 11.92 4.57
CA ILE A 187 -14.36 12.31 5.00
C ILE A 187 -14.43 12.94 6.38
N ASN A 188 -15.37 13.87 6.55
CA ASN A 188 -15.57 14.38 7.89
C ASN A 188 -16.06 13.29 8.86
N GLY A 189 -16.97 12.43 8.39
CA GLY A 189 -17.42 11.31 9.19
C GLY A 189 -16.22 10.63 9.82
N LEU A 190 -15.23 10.36 8.98
CA LEU A 190 -14.05 9.68 9.41
C LEU A 190 -13.32 10.55 10.39
N ALA A 191 -12.91 11.75 9.96
CA ALA A 191 -12.05 12.60 10.79
C ALA A 191 -12.65 12.65 12.18
N GLU A 192 -13.96 12.85 12.19
CA GLU A 192 -14.72 12.87 13.43
C GLU A 192 -14.49 11.58 14.20
N ALA A 193 -14.78 10.45 13.53
CA ALA A 193 -14.70 9.12 14.16
C ALA A 193 -13.35 8.88 14.83
N MET A 194 -12.26 9.33 14.18
CA MET A 194 -10.89 9.20 14.72
C MET A 194 -10.79 9.89 16.04
N TYR A 195 -11.32 11.13 16.07
CA TYR A 195 -11.35 11.92 17.30
C TYR A 195 -12.12 11.28 18.41
N LYS A 196 -13.19 10.57 18.03
CA LYS A 196 -13.97 9.78 18.95
C LYS A 196 -13.06 8.74 19.57
N ILE A 197 -12.22 8.14 18.71
CA ILE A 197 -11.38 7.03 19.16
C ILE A 197 -10.22 7.51 20.00
N VAL A 198 -9.58 8.62 19.64
CA VAL A 198 -8.42 9.08 20.42
C VAL A 198 -8.79 9.31 21.86
N ASN A 199 -10.09 9.46 22.10
CA ASN A 199 -10.68 9.50 23.46
C ASN A 199 -10.61 8.12 24.19
N GLY A 200 -11.00 7.07 23.49
CA GLY A 200 -10.91 5.71 24.03
C GLY A 200 -9.48 5.25 24.33
N VAL A 201 -8.61 5.35 23.32
CA VAL A 201 -7.19 5.02 23.41
C VAL A 201 -6.49 5.83 24.50
N MET A 202 -7.10 6.92 24.97
CA MET A 202 -6.56 7.67 26.10
C MET A 202 -6.80 7.00 27.43
N GLN A 203 -7.79 6.12 27.45
CA GLN A 203 -8.09 5.32 28.63
C GLN A 203 -6.96 4.38 29.00
N TYR A 204 -6.21 3.97 27.97
CA TYR A 204 -5.16 3.05 28.19
C TYR A 204 -3.98 3.79 28.73
N ALA A 205 -3.90 5.08 28.39
CA ALA A 205 -2.77 5.94 28.72
C ALA A 205 -2.13 5.77 30.10
N PRO A 206 -2.92 5.64 31.17
CA PRO A 206 -2.26 5.45 32.47
C PRO A 206 -1.40 4.20 32.55
N ILE A 207 -1.90 3.09 32.03
CA ILE A 207 -1.18 1.82 31.94
C ILE A 207 -0.07 1.98 30.91
N GLY A 208 -0.47 2.32 29.69
CA GLY A 208 0.43 2.74 28.62
C GLY A 208 1.61 3.56 29.13
N VAL A 209 1.33 4.64 29.85
CA VAL A 209 2.39 5.49 30.39
C VAL A 209 3.22 4.77 31.43
N PHE A 210 2.57 4.16 32.42
CA PHE A 210 3.27 3.47 33.50
C PHE A 210 4.35 2.54 32.96
N ALA A 211 3.97 1.77 31.95
CA ALA A 211 4.82 0.77 31.32
C ALA A 211 5.94 1.40 30.51
N LEU A 212 5.63 2.50 29.86
CA LEU A 212 6.60 3.15 29.01
C LEU A 212 7.70 3.84 29.75
N ILE A 213 7.46 4.43 30.92
CA ILE A 213 8.59 4.97 31.67
C ILE A 213 9.17 3.92 32.58
N ALA A 214 8.36 2.91 32.88
CA ALA A 214 8.88 1.78 33.63
C ALA A 214 10.12 1.30 32.88
N TYR A 215 10.01 1.18 31.56
CA TYR A 215 11.11 0.76 30.71
C TYR A 215 12.31 1.69 30.76
N VAL A 216 12.18 2.84 30.12
CA VAL A 216 13.26 3.80 30.03
C VAL A 216 13.90 4.10 31.37
N MET A 217 13.14 4.07 32.45
CA MET A 217 13.79 4.22 33.75
C MET A 217 14.65 3.01 34.11
N ALA A 218 14.03 1.83 34.12
CA ALA A 218 14.73 0.58 34.41
C ALA A 218 15.70 0.13 33.32
N GLU A 219 16.39 1.07 32.68
CA GLU A 219 17.14 0.69 31.53
C GLU A 219 18.22 1.67 31.20
N GLN A 220 17.85 2.88 30.81
CA GLN A 220 18.85 3.91 30.60
C GLN A 220 18.93 4.85 31.79
N GLY A 221 17.93 4.81 32.67
CA GLY A 221 17.87 5.70 33.84
C GLY A 221 18.92 5.35 34.89
N VAL A 222 19.14 4.05 35.09
CA VAL A 222 20.19 3.56 35.99
C VAL A 222 21.60 3.61 35.34
N HIS A 223 21.88 4.72 34.66
CA HIS A 223 23.09 4.90 33.86
C HIS A 223 23.34 6.39 33.81
N VAL A 224 22.37 7.16 34.31
CA VAL A 224 22.48 8.62 34.36
C VAL A 224 23.27 9.02 35.60
N VAL A 225 24.59 8.96 35.48
CA VAL A 225 25.48 9.29 36.59
C VAL A 225 26.68 10.01 36.01
N GLY A 226 27.36 10.74 36.87
CA GLY A 226 28.55 11.50 36.48
C GLY A 226 28.27 12.42 35.33
N GLU A 227 29.19 12.49 34.38
CA GLU A 227 29.08 13.40 33.27
C GLU A 227 27.88 13.16 32.38
N LEU A 228 27.28 11.98 32.48
CA LEU A 228 26.03 11.74 31.78
C LEU A 228 24.89 12.46 32.49
N ALA A 229 24.88 12.41 33.81
CA ALA A 229 23.95 13.23 34.58
C ALA A 229 24.15 14.72 34.29
N LYS A 230 25.40 15.18 34.24
CA LYS A 230 25.69 16.57 33.89
C LYS A 230 25.10 17.01 32.56
N VAL A 231 25.28 16.26 31.50
CA VAL A 231 24.68 16.65 30.23
C VAL A 231 23.15 16.63 30.27
N THR A 232 22.56 15.68 31.01
CA THR A 232 21.10 15.56 31.11
C THR A 232 20.49 16.84 31.69
N ALA A 233 21.03 17.28 32.82
CA ALA A 233 20.68 18.55 33.42
C ALA A 233 20.73 19.68 32.37
N ALA A 234 21.89 20.00 31.83
CA ALA A 234 22.01 21.00 30.79
C ALA A 234 21.03 20.86 29.65
N VAL A 235 20.48 19.68 29.41
CA VAL A 235 19.44 19.57 28.41
C VAL A 235 18.12 20.01 29.01
N TYR A 236 17.69 19.35 30.08
CA TYR A 236 16.39 19.59 30.67
C TYR A 236 16.13 20.99 31.22
N VAL A 237 17.11 21.57 31.90
CA VAL A 237 17.09 22.99 32.22
C VAL A 237 16.93 23.83 30.93
N GLY A 238 17.66 23.51 29.87
CA GLY A 238 17.48 24.18 28.60
C GLY A 238 16.09 24.00 28.07
N LEU A 239 15.49 22.83 28.24
CA LEU A 239 14.12 22.55 27.76
C LEU A 239 13.08 23.29 28.59
N THR A 240 13.25 23.32 29.89
CA THR A 240 12.44 24.15 30.77
C THR A 240 12.54 25.61 30.33
N LEU A 241 13.73 26.14 30.25
CA LEU A 241 13.86 27.49 29.79
C LEU A 241 13.46 27.70 28.35
N GLN A 242 13.10 26.67 27.61
CA GLN A 242 12.55 26.96 26.30
C GLN A 242 11.11 27.31 26.51
N ILE A 243 10.44 26.56 27.38
CA ILE A 243 9.04 26.85 27.76
C ILE A 243 8.92 28.26 28.37
N LEU A 244 9.38 28.39 29.61
CA LEU A 244 9.26 29.61 30.36
C LEU A 244 9.78 30.78 29.55
N LEU A 245 11.00 30.73 29.06
CA LEU A 245 11.53 31.85 28.31
C LEU A 245 10.98 32.09 26.92
N VAL A 246 10.37 31.10 26.30
CA VAL A 246 9.89 31.33 24.94
C VAL A 246 8.43 31.07 24.78
N TYR A 247 7.95 29.93 25.24
CA TYR A 247 6.54 29.64 25.10
C TYR A 247 5.68 30.51 26.01
N PHE A 248 5.79 30.34 27.32
CA PHE A 248 5.07 31.18 28.26
C PHE A 248 5.15 32.60 27.84
N VAL A 249 6.34 33.11 27.56
CA VAL A 249 6.48 34.45 27.02
C VAL A 249 5.76 34.71 25.71
N LEU A 250 5.97 33.90 24.69
CA LEU A 250 5.31 34.17 23.41
C LEU A 250 3.80 34.00 23.49
N LEU A 251 3.36 33.19 24.44
CA LEU A 251 1.96 33.07 24.72
C LEU A 251 1.46 34.33 25.43
N LYS A 252 2.07 34.68 26.55
CA LYS A 252 1.69 35.88 27.30
C LYS A 252 1.54 37.07 26.35
N ILE A 253 2.63 37.47 25.67
CA ILE A 253 2.61 38.60 24.70
C ILE A 253 1.53 38.53 23.65
N TYR A 254 1.20 37.35 23.16
CA TYR A 254 0.17 37.28 22.16
C TYR A 254 -1.22 37.21 22.77
N GLY A 255 -1.26 37.28 24.10
CA GLY A 255 -2.51 37.52 24.82
C GLY A 255 -3.24 36.27 25.23
N ILE A 256 -2.71 35.12 24.84
CA ILE A 256 -3.28 33.85 25.27
C ILE A 256 -2.72 33.50 26.65
N ASP A 257 -3.58 32.94 27.49
CA ASP A 257 -3.18 32.58 28.83
C ASP A 257 -2.31 31.35 28.76
N PRO A 258 -1.02 31.47 29.17
CA PRO A 258 -0.11 30.35 29.23
C PRO A 258 -0.71 29.25 30.04
N ILE A 259 -1.21 29.58 31.22
CA ILE A 259 -1.63 28.57 32.18
C ILE A 259 -2.90 27.83 31.77
N SER A 260 -3.67 28.40 30.86
CA SER A 260 -4.83 27.70 30.30
C SER A 260 -4.35 26.79 29.18
N PHE A 261 -3.35 27.25 28.45
CA PHE A 261 -2.69 26.51 27.40
C PHE A 261 -2.12 25.18 27.91
N ILE A 262 -1.35 25.25 29.00
CA ILE A 262 -0.74 24.09 29.64
C ILE A 262 -1.80 23.14 30.11
N LYS A 263 -2.87 23.67 30.69
CA LYS A 263 -3.96 22.84 31.21
C LYS A 263 -4.61 22.01 30.11
N HIS A 264 -4.74 22.63 28.94
CA HIS A 264 -5.36 22.01 27.77
C HIS A 264 -4.42 21.01 27.09
N ALA A 265 -3.16 21.42 26.91
CA ALA A 265 -2.10 20.59 26.30
C ALA A 265 -1.43 19.62 27.26
N LYS A 266 -2.06 19.29 28.38
CA LYS A 266 -1.45 18.42 29.37
C LYS A 266 -1.40 17.03 28.78
N ASP A 267 -2.40 16.68 27.99
CA ASP A 267 -2.50 15.34 27.44
C ASP A 267 -1.52 15.10 26.31
N ALA A 268 -1.37 16.03 25.40
CA ALA A 268 -0.41 15.87 24.35
C ALA A 268 1.00 15.89 24.89
N MET A 269 1.30 16.74 25.87
CA MET A 269 2.65 16.78 26.42
C MET A 269 3.03 15.54 27.19
N LEU A 270 2.04 14.81 27.65
CA LEU A 270 2.36 13.64 28.43
C LEU A 270 2.55 12.48 27.50
N THR A 271 1.68 12.32 26.52
CA THR A 271 1.92 11.36 25.46
C THR A 271 3.28 11.55 24.79
N ALA A 272 3.50 12.71 24.18
CA ALA A 272 4.79 13.02 23.56
C ALA A 272 6.01 12.74 24.41
N PHE A 273 5.99 13.10 25.68
CA PHE A 273 7.07 12.77 26.59
C PHE A 273 7.26 11.27 26.68
N VAL A 274 6.17 10.59 27.02
CA VAL A 274 6.22 9.18 27.29
C VAL A 274 6.43 8.34 26.01
N THR A 275 5.77 8.70 24.94
CA THR A 275 5.94 7.96 23.70
C THR A 275 7.24 8.26 22.99
N ARG A 276 7.71 9.48 23.13
CA ARG A 276 8.84 9.99 22.38
C ARG A 276 8.59 10.01 20.90
N SER A 277 7.42 9.56 20.45
CA SER A 277 7.09 9.80 19.06
C SER A 277 6.21 11.03 18.89
N SER A 278 6.79 12.07 18.31
CA SER A 278 6.08 13.29 17.89
C SER A 278 4.97 12.81 16.99
N SER A 279 5.32 12.03 15.99
CA SER A 279 4.37 11.56 15.03
C SER A 279 3.31 10.62 15.63
N GLY A 280 3.65 9.90 16.68
CA GLY A 280 2.68 8.96 17.23
C GLY A 280 1.66 9.64 18.10
N THR A 281 2.09 10.79 18.67
CA THR A 281 1.28 11.69 19.52
C THR A 281 0.23 12.56 18.73
N LEU A 282 0.59 12.96 17.53
CA LEU A 282 -0.30 13.60 16.61
C LEU A 282 -1.79 13.42 16.76
N PRO A 283 -2.35 12.22 16.83
CA PRO A 283 -3.79 12.23 17.12
C PRO A 283 -4.18 12.92 18.43
N VAL A 284 -3.52 12.56 19.52
CA VAL A 284 -3.75 13.25 20.77
C VAL A 284 -3.37 14.70 20.73
N THR A 285 -2.36 15.09 19.96
CA THR A 285 -2.10 16.51 19.78
C THR A 285 -3.19 17.22 18.99
N MET A 286 -3.70 16.56 17.96
CA MET A 286 -4.77 17.11 17.16
C MET A 286 -6.13 17.14 17.89
N ARG A 287 -6.32 16.25 18.85
CA ARG A 287 -7.54 16.31 19.63
C ARG A 287 -7.36 17.27 20.80
N VAL A 288 -6.16 17.74 21.05
CA VAL A 288 -6.05 18.84 21.99
C VAL A 288 -6.24 20.18 21.28
N ALA A 289 -5.92 20.22 19.99
CA ALA A 289 -6.16 21.42 19.22
C ALA A 289 -7.64 21.59 19.03
N LYS A 290 -8.35 20.50 18.68
CA LYS A 290 -9.82 20.55 18.56
C LYS A 290 -10.44 21.07 19.84
N GLU A 291 -10.21 20.35 20.95
CA GLU A 291 -10.82 20.72 22.25
C GLU A 291 -10.12 21.84 23.02
N MET A 292 -9.65 22.82 22.27
CA MET A 292 -9.31 24.13 22.78
C MET A 292 -9.80 25.13 21.71
N GLY A 293 -10.60 24.57 20.81
CA GLY A 293 -11.42 25.32 19.88
C GLY A 293 -10.66 26.10 18.86
N ILE A 294 -9.83 25.41 18.07
CA ILE A 294 -9.18 26.04 16.92
C ILE A 294 -9.80 25.40 15.71
N SER A 295 -9.61 26.00 14.55
CA SER A 295 -10.25 25.50 13.36
C SER A 295 -9.43 24.40 12.70
N GLU A 296 -10.13 23.37 12.22
CA GLU A 296 -9.52 22.32 11.41
C GLU A 296 -8.74 22.96 10.27
N GLY A 297 -9.21 24.11 9.82
CA GLY A 297 -8.47 24.89 8.84
C GLY A 297 -7.05 25.23 9.25
N ILE A 298 -6.84 25.49 10.53
CA ILE A 298 -5.51 25.77 11.00
C ILE A 298 -4.89 24.47 11.46
N TYR A 299 -5.37 23.95 12.58
CA TYR A 299 -4.62 22.94 13.26
C TYR A 299 -4.32 21.76 12.35
N SER A 300 -5.31 21.33 11.56
CA SER A 300 -5.16 20.14 10.70
C SER A 300 -4.19 20.33 9.53
N PHE A 301 -3.44 21.42 9.59
CA PHE A 301 -2.35 21.62 8.68
C PHE A 301 -1.14 22.05 9.43
N THR A 302 -1.26 22.91 10.42
CA THR A 302 -0.03 23.28 11.12
C THR A 302 0.52 22.15 11.98
N LEU A 303 -0.38 21.31 12.48
CA LEU A 303 0.01 20.27 13.41
C LEU A 303 0.84 19.13 12.80
N PRO A 304 0.35 18.53 11.69
CA PRO A 304 1.15 17.48 11.07
C PRO A 304 2.43 18.03 10.52
N LEU A 305 2.36 19.14 9.80
CA LEU A 305 3.58 19.73 9.32
C LEU A 305 4.55 19.91 10.45
N GLY A 306 4.15 20.59 11.50
CA GLY A 306 5.10 20.93 12.55
C GLY A 306 5.62 19.74 13.28
N ALA A 307 4.79 18.69 13.25
CA ALA A 307 5.08 17.40 13.89
C ALA A 307 6.33 16.71 13.39
N THR A 308 6.93 17.28 12.33
CA THR A 308 8.13 16.75 11.67
C THR A 308 9.08 17.89 11.28
N ILE A 309 8.62 19.14 11.41
CA ILE A 309 9.43 20.31 11.09
C ILE A 309 9.76 21.09 12.35
N ASN A 310 8.81 21.18 13.28
CA ASN A 310 9.13 21.97 14.45
C ASN A 310 9.63 21.17 15.60
N MET A 311 10.89 20.80 15.46
CA MET A 311 11.59 20.07 16.48
C MET A 311 12.42 21.11 17.21
N ASP A 312 11.89 21.63 18.30
CA ASP A 312 12.59 22.70 19.04
C ASP A 312 13.45 21.98 20.04
N GLY A 313 12.88 20.96 20.67
CA GLY A 313 13.54 20.22 21.74
C GLY A 313 14.67 19.36 21.23
N THR A 314 14.66 19.14 19.94
CA THR A 314 15.77 18.52 19.30
C THR A 314 16.87 19.55 19.15
N ALA A 315 16.60 20.68 18.50
CA ALA A 315 17.65 21.63 18.20
C ALA A 315 18.39 22.02 19.46
N LEU A 316 17.74 21.91 20.61
CA LEU A 316 18.43 22.22 21.87
C LEU A 316 19.34 21.05 22.16
N TYR A 317 18.77 19.87 22.20
CA TYR A 317 19.49 18.62 22.49
C TYR A 317 20.73 18.42 21.60
N GLN A 318 20.60 18.77 20.33
CA GLN A 318 21.69 18.68 19.41
C GLN A 318 22.71 19.78 19.65
N GLY A 319 22.30 20.96 20.05
CA GLY A 319 23.27 22.01 20.29
C GLY A 319 24.05 21.73 21.55
N VAL A 320 23.39 21.08 22.49
CA VAL A 320 24.00 20.77 23.75
C VAL A 320 24.76 19.43 23.71
N CYS A 321 24.65 18.71 22.59
CA CYS A 321 25.45 17.48 22.40
C CYS A 321 26.69 17.74 21.64
N THR A 322 26.60 18.32 20.46
CA THR A 322 27.77 18.92 19.85
C THR A 322 28.73 19.51 20.88
N PHE A 323 28.25 20.22 21.85
CA PHE A 323 29.14 20.73 22.87
C PHE A 323 29.67 19.67 23.82
N PHE A 324 28.87 18.67 24.11
CA PHE A 324 29.33 17.66 25.04
C PHE A 324 30.46 16.86 24.48
N ILE A 325 30.40 16.60 23.18
CA ILE A 325 31.41 15.81 22.50
C ILE A 325 32.67 16.67 22.34
N ALA A 326 32.53 17.83 21.71
CA ALA A 326 33.64 18.75 21.54
C ALA A 326 34.26 19.24 22.84
N ASN A 327 33.67 18.90 23.97
CA ASN A 327 34.29 19.17 25.28
C ASN A 327 35.13 17.99 25.75
N ALA A 328 34.58 16.77 25.62
CA ALA A 328 35.29 15.55 25.99
C ALA A 328 36.55 15.30 25.14
N LEU A 329 36.48 15.77 23.89
CA LEU A 329 37.62 15.81 22.97
C LEU A 329 38.39 17.12 23.07
N GLY A 330 37.77 18.15 23.63
CA GLY A 330 38.48 19.38 23.94
C GLY A 330 38.86 20.31 22.79
N SER A 331 38.04 20.39 21.74
CA SER A 331 38.21 21.47 20.75
C SER A 331 37.78 22.80 21.38
N HIS A 332 38.17 23.93 20.77
CA HIS A 332 37.77 25.26 21.28
C HIS A 332 36.28 25.59 21.01
N LEU A 333 35.59 24.66 20.34
CA LEU A 333 34.20 24.79 19.83
C LEU A 333 34.03 26.11 19.08
N THR A 334 35.00 26.39 18.22
CA THR A 334 35.21 27.71 17.60
C THR A 334 34.65 28.90 18.38
N VAL A 335 35.46 29.47 19.28
CA VAL A 335 35.17 30.79 19.90
C VAL A 335 35.01 31.84 18.78
N GLY A 336 33.78 31.87 18.21
CA GLY A 336 33.45 32.49 16.93
C GLY A 336 32.38 31.68 16.25
N GLN A 337 32.77 30.83 15.29
CA GLN A 337 31.84 30.10 14.40
C GLN A 337 31.23 28.79 14.98
N GLN A 338 30.47 28.95 16.05
CA GLN A 338 29.60 27.91 16.55
C GLN A 338 28.16 28.27 16.23
N LEU A 339 27.98 29.36 15.47
CA LEU A 339 26.70 29.70 14.88
C LEU A 339 26.41 28.65 13.80
N THR A 340 27.47 27.97 13.38
CA THR A 340 27.36 26.95 12.37
C THR A 340 26.81 25.69 12.98
N ILE A 341 26.78 25.64 14.30
CA ILE A 341 25.97 24.66 14.96
C ILE A 341 24.55 25.13 14.78
N VAL A 342 24.25 26.29 15.40
CA VAL A 342 22.93 26.91 15.40
C VAL A 342 22.25 26.73 14.06
N LEU A 343 22.94 27.10 12.98
CA LEU A 343 22.42 26.93 11.64
C LEU A 343 22.10 25.49 11.31
N THR A 344 23.05 24.61 11.57
CA THR A 344 22.93 23.24 11.13
C THR A 344 21.95 22.51 12.03
N ALA A 345 21.90 22.92 13.29
CA ALA A 345 20.96 22.31 14.24
C ALA A 345 19.54 22.51 13.73
N VAL A 346 19.20 23.75 13.42
CA VAL A 346 17.96 24.09 12.71
C VAL A 346 17.73 23.10 11.58
N LEU A 347 18.71 23.04 10.67
CA LEU A 347 18.65 22.24 9.46
C LEU A 347 18.47 20.79 9.78
N ALA A 348 19.12 20.36 10.87
CA ALA A 348 19.03 18.98 11.32
C ALA A 348 17.66 18.73 11.94
N SER A 349 17.22 19.69 12.74
CA SER A 349 15.95 19.60 13.43
C SER A 349 14.86 19.43 12.43
N ILE A 350 14.78 20.36 11.49
CA ILE A 350 13.85 20.27 10.38
C ILE A 350 13.81 18.87 9.79
N GLY A 351 15.01 18.28 9.67
CA GLY A 351 15.23 16.99 9.04
C GLY A 351 14.84 15.86 9.95
N THR A 352 15.28 15.95 11.21
CA THR A 352 15.08 14.86 12.17
C THR A 352 13.66 14.37 12.07
N ALA A 353 13.43 13.08 12.08
CA ALA A 353 12.07 12.63 11.96
C ALA A 353 11.41 12.53 13.32
N GLY A 354 10.08 12.32 13.30
CA GLY A 354 9.26 12.28 14.50
C GLY A 354 9.15 10.92 15.18
N VAL A 355 10.08 10.01 14.84
CA VAL A 355 10.14 8.69 15.46
C VAL A 355 11.07 8.74 16.70
N PRO A 356 11.04 7.71 17.57
CA PRO A 356 11.61 8.00 18.87
C PRO A 356 13.11 7.80 19.02
N GLY A 357 13.89 8.03 17.97
CA GLY A 357 15.32 7.98 18.09
C GLY A 357 16.11 9.03 17.35
N ALA A 358 15.57 9.45 16.22
CA ALA A 358 16.37 10.07 15.18
C ALA A 358 17.11 11.37 15.50
N GLY A 359 16.92 11.94 16.68
CA GLY A 359 17.66 13.16 17.01
C GLY A 359 19.10 12.84 17.25
N ALA A 360 19.29 11.69 17.89
CA ALA A 360 20.60 11.08 18.07
C ALA A 360 21.22 10.88 16.69
N ILE A 361 20.64 9.96 15.95
CA ILE A 361 21.05 9.65 14.60
C ILE A 361 21.38 10.90 13.81
N MET A 362 20.46 11.85 13.76
CA MET A 362 20.67 13.05 13.01
C MET A 362 21.71 14.01 13.59
N LEU A 363 22.03 13.88 14.87
CA LEU A 363 23.01 14.75 15.54
C LEU A 363 24.32 14.77 14.79
N ALA A 364 24.60 13.62 14.17
CA ALA A 364 25.74 13.39 13.27
C ALA A 364 25.97 14.50 12.25
N MET A 365 24.89 14.94 11.62
CA MET A 365 24.92 15.97 10.58
C MET A 365 25.39 17.34 11.08
N VAL A 366 25.16 17.60 12.36
CA VAL A 366 25.63 18.86 12.94
C VAL A 366 27.03 18.66 13.50
N LEU A 367 27.44 17.40 13.64
CA LEU A 367 28.78 17.07 14.09
C LEU A 367 29.79 17.23 12.98
N HIS A 368 29.51 16.63 11.82
CA HIS A 368 30.35 16.78 10.62
C HIS A 368 30.35 18.21 10.11
N SER A 369 29.41 19.01 10.61
CA SER A 369 29.33 20.45 10.32
C SER A 369 30.35 21.25 11.14
N VAL A 370 30.57 20.84 12.39
CA VAL A 370 31.58 21.45 13.25
C VAL A 370 32.93 20.79 13.01
N GLY A 371 32.93 19.74 12.16
CA GLY A 371 34.14 19.01 11.78
C GLY A 371 34.65 18.01 12.80
N LEU A 372 33.83 17.02 13.16
CA LEU A 372 34.26 15.92 14.02
C LEU A 372 33.39 14.68 13.82
N PRO A 373 33.63 13.93 12.73
CA PRO A 373 32.77 12.83 12.29
C PRO A 373 32.87 11.59 13.15
N LEU A 374 31.87 10.73 13.02
CA LEU A 374 31.82 9.43 13.70
C LEU A 374 32.83 8.39 13.13
N THR A 375 33.78 8.89 12.33
CA THR A 375 34.86 8.06 11.85
C THR A 375 35.98 8.12 12.88
N ASP A 376 36.38 9.32 13.33
CA ASP A 376 37.43 9.52 14.37
C ASP A 376 36.99 8.88 15.66
N PRO A 377 37.45 7.64 15.96
CA PRO A 377 36.66 6.70 16.77
C PRO A 377 36.68 6.99 18.26
N ASN A 378 37.25 8.12 18.63
CA ASN A 378 37.00 8.80 19.92
C ASN A 378 35.63 9.63 19.98
N VAL A 379 35.39 10.45 18.94
CA VAL A 379 34.10 10.98 18.61
C VAL A 379 33.15 9.84 18.69
N ALA A 380 33.27 8.86 17.82
CA ALA A 380 32.29 7.79 17.84
C ALA A 380 32.26 7.04 19.17
N ALA A 381 33.15 7.38 20.09
CA ALA A 381 33.16 6.69 21.38
C ALA A 381 32.44 7.50 22.45
N ALA A 382 32.29 8.80 22.19
CA ALA A 382 31.45 9.75 23.00
C ALA A 382 30.01 9.66 22.54
N TYR A 383 29.81 9.89 21.25
CA TYR A 383 28.54 9.71 20.62
C TYR A 383 27.90 8.39 20.97
N ALA A 384 28.67 7.40 21.38
CA ALA A 384 28.03 6.13 21.74
C ALA A 384 27.77 6.09 23.22
N MET A 385 28.30 7.09 23.91
CA MET A 385 28.03 7.26 25.33
C MET A 385 26.69 7.96 25.48
N ILE A 386 26.57 9.12 24.80
CA ILE A 386 25.33 9.86 24.53
C ILE A 386 24.19 8.94 24.23
N LEU A 387 24.40 8.03 23.29
CA LEU A 387 23.38 7.18 22.75
C LEU A 387 22.93 6.17 23.78
N GLY A 388 23.68 6.17 24.87
CA GLY A 388 23.49 5.20 25.92
C GLY A 388 22.33 5.60 26.77
N ILE A 389 22.05 6.91 26.79
CA ILE A 389 20.91 7.51 27.50
C ILE A 389 20.08 8.36 26.57
N ASP A 390 19.75 7.88 25.38
CA ASP A 390 19.14 8.80 24.48
C ASP A 390 17.71 8.87 24.79
N ALA A 391 17.09 7.72 24.98
CA ALA A 391 15.69 7.72 25.33
C ALA A 391 15.33 8.57 26.59
N ILE A 392 16.29 8.81 27.49
CA ILE A 392 16.08 9.77 28.58
C ILE A 392 15.96 11.15 27.98
N LEU A 393 17.01 11.61 27.31
CA LEU A 393 16.94 12.89 26.64
C LEU A 393 15.81 12.97 25.62
N ASP A 394 15.28 11.84 25.19
CA ASP A 394 14.30 11.89 24.13
C ASP A 394 12.96 12.33 24.68
N MET A 395 12.53 11.74 25.79
CA MET A 395 11.26 12.09 26.37
C MET A 395 11.07 13.60 26.49
N GLY A 396 11.96 14.21 27.26
CA GLY A 396 12.09 15.65 27.39
C GLY A 396 12.03 16.32 26.04
N ARG A 397 13.11 16.25 25.27
CA ARG A 397 13.18 16.82 23.93
C ARG A 397 11.95 16.65 23.05
N THR A 398 11.29 15.50 23.10
CA THR A 398 10.12 15.26 22.26
C THR A 398 8.94 16.08 22.69
N MET A 399 8.64 16.01 24.00
CA MET A 399 7.56 16.83 24.58
C MET A 399 7.64 18.32 24.18
N VAL A 400 8.81 18.92 24.33
CA VAL A 400 9.07 20.24 23.80
C VAL A 400 8.97 20.35 22.28
N ASN A 401 9.09 19.27 21.56
CA ASN A 401 9.01 19.39 20.11
C ASN A 401 7.59 19.59 19.73
N VAL A 402 6.70 18.91 20.47
CA VAL A 402 5.22 18.99 20.30
C VAL A 402 4.58 20.32 20.83
N THR A 403 4.83 20.63 22.09
CA THR A 403 4.50 21.90 22.67
C THR A 403 4.76 23.05 21.70
N GLY A 404 5.98 23.23 21.23
CA GLY A 404 6.25 24.16 20.16
C GLY A 404 5.34 24.13 18.94
N ASP A 405 4.69 23.00 18.65
CA ASP A 405 3.72 22.98 17.57
C ASP A 405 2.44 23.63 18.09
N LEU A 406 2.02 23.25 19.30
CA LEU A 406 0.78 23.81 19.87
C LEU A 406 0.93 25.29 20.06
N THR A 407 1.96 25.73 20.78
CA THR A 407 2.28 27.13 20.87
C THR A 407 2.16 27.81 19.54
N GLY A 408 2.93 27.43 18.57
CA GLY A 408 2.84 28.09 17.31
C GLY A 408 1.52 28.03 16.62
N THR A 409 0.81 26.92 16.77
CA THR A 409 -0.49 26.78 16.13
C THR A 409 -1.40 27.81 16.76
N ALA A 410 -1.56 27.70 18.09
CA ALA A 410 -2.34 28.63 18.95
C ALA A 410 -2.03 30.11 18.72
N ILE A 411 -0.79 30.53 18.88
CA ILE A 411 -0.36 31.84 18.41
C ILE A 411 -0.87 32.21 17.03
N VAL A 412 -0.62 31.39 16.02
CA VAL A 412 -1.07 31.75 14.68
C VAL A 412 -2.56 31.62 14.51
N ALA A 413 -3.16 30.72 15.29
CA ALA A 413 -4.60 30.53 15.27
C ALA A 413 -5.29 31.80 15.74
N LYS A 414 -4.67 32.50 16.71
CA LYS A 414 -5.18 33.77 17.23
C LYS A 414 -4.89 34.96 16.30
N THR A 415 -3.80 34.92 15.55
CA THR A 415 -3.51 35.97 14.58
C THR A 415 -4.53 35.94 13.45
N GLU A 416 -4.87 34.77 12.94
CA GLU A 416 -5.95 34.71 11.96
C GLU A 416 -7.29 34.68 12.69
N VAL B 12 -27.59 -24.37 -13.39
CA VAL B 12 -27.56 -24.89 -11.97
C VAL B 12 -26.18 -24.81 -11.22
N LEU B 13 -26.22 -24.94 -9.88
CA LEU B 13 -25.02 -25.07 -9.02
C LEU B 13 -24.73 -26.56 -8.71
N GLN B 14 -25.07 -27.41 -9.67
CA GLN B 14 -24.70 -28.82 -9.69
C GLN B 14 -23.74 -28.98 -10.88
N LYS B 15 -23.62 -27.89 -11.65
CA LYS B 15 -22.58 -27.70 -12.66
C LYS B 15 -21.20 -27.68 -11.99
N ILE B 16 -21.19 -27.34 -10.70
CA ILE B 16 -20.02 -27.48 -9.85
C ILE B 16 -19.68 -28.95 -9.65
N LEU B 17 -20.68 -29.74 -9.31
CA LEU B 17 -20.51 -31.17 -9.07
C LEU B 17 -20.21 -31.90 -10.36
N ILE B 18 -20.80 -31.39 -11.44
CA ILE B 18 -20.49 -31.83 -12.81
C ILE B 18 -19.02 -31.54 -13.15
N GLY B 19 -18.54 -30.35 -12.76
CA GLY B 19 -17.14 -29.97 -12.94
C GLY B 19 -16.19 -30.68 -11.98
N LEU B 20 -16.59 -30.74 -10.70
CA LEU B 20 -15.84 -31.43 -9.68
C LEU B 20 -15.66 -32.90 -10.01
N ILE B 21 -16.71 -33.55 -10.51
CA ILE B 21 -16.62 -34.97 -10.75
C ILE B 21 -15.88 -35.23 -12.05
N LEU B 22 -16.31 -34.56 -13.13
CA LEU B 22 -15.62 -34.63 -14.41
C LEU B 22 -14.11 -34.32 -14.23
N GLY B 23 -13.81 -33.22 -13.54
CA GLY B 23 -12.42 -32.82 -13.31
C GLY B 23 -11.61 -33.75 -12.44
N ALA B 24 -12.22 -34.28 -11.38
CA ALA B 24 -11.56 -35.26 -10.53
C ALA B 24 -11.15 -36.46 -11.39
N ILE B 25 -12.06 -36.86 -12.28
CA ILE B 25 -11.82 -38.00 -13.17
C ILE B 25 -10.78 -37.65 -14.25
N VAL B 26 -11.07 -36.66 -15.10
CA VAL B 26 -10.16 -36.22 -16.16
C VAL B 26 -8.75 -35.97 -15.61
N GLY B 27 -8.72 -35.32 -14.45
CA GLY B 27 -7.48 -35.10 -13.71
C GLY B 27 -6.81 -36.42 -13.40
N LEU B 28 -7.41 -37.19 -12.50
CA LEU B 28 -6.85 -38.46 -12.03
C LEU B 28 -6.18 -39.29 -13.12
N ILE B 29 -6.88 -39.42 -14.25
CA ILE B 29 -6.42 -40.15 -15.44
C ILE B 29 -5.15 -39.58 -16.05
N LEU B 30 -5.20 -38.31 -16.45
CA LEU B 30 -4.10 -37.66 -17.16
C LEU B 30 -2.78 -37.63 -16.39
N GLY B 31 -2.87 -37.69 -15.06
CA GLY B 31 -1.68 -37.70 -14.20
C GLY B 31 -1.09 -39.09 -13.98
N HIS B 32 -1.91 -40.11 -14.24
CA HIS B 32 -1.45 -41.50 -14.24
C HIS B 32 -0.66 -41.78 -15.52
N TYR B 33 -0.87 -40.93 -16.52
CA TYR B 33 -0.25 -41.07 -17.82
C TYR B 33 0.80 -39.97 -18.04
N GLY B 34 1.44 -39.55 -16.93
CA GLY B 34 2.57 -38.61 -16.93
C GLY B 34 2.33 -37.24 -17.53
N TYR B 35 1.06 -36.83 -17.54
CA TYR B 35 0.69 -35.49 -18.05
C TYR B 35 0.34 -34.51 -16.93
N ALA B 36 1.06 -34.66 -15.82
CA ALA B 36 1.05 -33.71 -14.72
C ALA B 36 1.38 -32.33 -15.27
N HIS B 37 2.10 -32.29 -16.39
CA HIS B 37 2.55 -31.05 -16.98
C HIS B 37 1.74 -30.55 -18.15
N ALA B 38 0.98 -31.43 -18.77
CA ALA B 38 -0.03 -30.98 -19.73
C ALA B 38 -1.12 -30.24 -18.95
N VAL B 39 -1.44 -30.74 -17.75
CA VAL B 39 -2.41 -30.09 -16.86
C VAL B 39 -1.87 -28.77 -16.37
N HIS B 40 -0.81 -28.82 -15.57
CA HIS B 40 -0.26 -27.65 -14.92
C HIS B 40 -0.02 -26.49 -15.89
N THR B 41 0.41 -26.80 -17.11
CA THR B 41 0.65 -25.75 -18.09
C THR B 41 -0.65 -25.28 -18.77
N TYR B 42 -1.70 -26.12 -18.70
CA TYR B 42 -2.90 -25.90 -19.56
C TYR B 42 -4.24 -25.73 -18.86
N VAL B 43 -4.35 -26.29 -17.67
CA VAL B 43 -5.63 -26.35 -17.00
C VAL B 43 -5.62 -25.54 -15.70
N LYS B 44 -4.51 -25.61 -14.94
CA LYS B 44 -4.38 -24.88 -13.66
C LYS B 44 -4.37 -23.34 -13.68
N PRO B 45 -4.28 -22.67 -14.87
CA PRO B 45 -4.58 -21.22 -14.89
C PRO B 45 -6.05 -20.88 -14.67
N PHE B 46 -6.96 -21.62 -15.32
CA PHE B 46 -8.41 -21.43 -15.17
C PHE B 46 -8.86 -21.65 -13.74
N GLY B 47 -8.21 -22.60 -13.07
CA GLY B 47 -8.40 -22.81 -11.65
C GLY B 47 -7.83 -21.69 -10.81
N ASP B 48 -6.74 -21.07 -11.26
CA ASP B 48 -6.13 -19.94 -10.54
C ASP B 48 -6.86 -18.62 -10.77
N LEU B 49 -7.33 -18.44 -12.00
CA LEU B 49 -8.16 -17.31 -12.38
C LEU B 49 -9.30 -17.19 -11.39
N PHE B 50 -10.04 -18.28 -11.25
CA PHE B 50 -11.14 -18.38 -10.31
C PHE B 50 -10.73 -17.87 -8.94
N VAL B 51 -9.55 -18.29 -8.48
CA VAL B 51 -9.05 -17.88 -7.18
C VAL B 51 -8.70 -16.40 -7.14
N ARG B 52 -7.96 -15.92 -8.13
CA ARG B 52 -7.63 -14.49 -8.29
C ARG B 52 -8.83 -13.60 -8.00
N LEU B 53 -9.96 -13.96 -8.61
CA LEU B 53 -11.21 -13.26 -8.43
C LEU B 53 -11.64 -13.21 -6.99
N LEU B 54 -11.72 -14.39 -6.38
CA LEU B 54 -12.16 -14.50 -5.00
C LEU B 54 -11.24 -13.81 -4.01
N LYS B 55 -9.97 -13.66 -4.35
CA LYS B 55 -9.08 -12.93 -3.50
C LYS B 55 -9.44 -11.46 -3.57
N MET B 56 -9.56 -10.96 -4.79
CA MET B 56 -9.96 -9.60 -5.10
C MET B 56 -11.08 -9.06 -4.16
N LEU B 57 -12.12 -9.87 -3.96
CA LEU B 57 -13.25 -9.48 -3.13
C LEU B 57 -12.99 -9.52 -1.64
N VAL B 58 -11.99 -10.30 -1.19
CA VAL B 58 -11.84 -10.54 0.26
C VAL B 58 -11.58 -9.30 1.05
N MET B 59 -10.68 -8.46 0.56
CA MET B 59 -10.39 -7.30 1.37
C MET B 59 -11.59 -6.33 1.63
N PRO B 60 -12.27 -5.84 0.56
CA PRO B 60 -13.38 -4.91 0.77
C PRO B 60 -14.49 -5.59 1.51
N ILE B 61 -14.99 -6.71 1.00
CA ILE B 61 -16.08 -7.43 1.65
C ILE B 61 -15.86 -7.62 3.15
N VAL B 62 -14.63 -7.87 3.56
CA VAL B 62 -14.39 -8.07 4.98
C VAL B 62 -14.49 -6.79 5.78
N PHE B 63 -13.82 -5.75 5.29
CA PHE B 63 -13.79 -4.45 5.93
C PHE B 63 -15.13 -3.79 6.05
N ALA B 64 -15.71 -3.54 4.87
CA ALA B 64 -17.06 -3.02 4.72
C ALA B 64 -18.09 -3.75 5.60
N SER B 65 -18.38 -5.00 5.31
CA SER B 65 -19.31 -5.73 6.15
C SER B 65 -19.06 -5.76 7.67
N LEU B 66 -17.85 -5.45 8.12
CA LEU B 66 -17.64 -5.40 9.57
C LEU B 66 -17.91 -4.02 10.16
N VAL B 67 -17.71 -2.99 9.35
CA VAL B 67 -18.06 -1.66 9.78
C VAL B 67 -19.59 -1.55 9.94
N VAL B 68 -20.30 -1.96 8.90
CA VAL B 68 -21.76 -2.04 8.86
C VAL B 68 -22.27 -3.12 9.82
N GLY B 69 -21.45 -4.13 10.05
CA GLY B 69 -21.72 -5.09 11.12
C GLY B 69 -21.49 -4.52 12.51
N ALA B 70 -20.94 -3.31 12.62
CA ALA B 70 -21.10 -2.59 13.87
C ALA B 70 -22.32 -1.61 13.79
N ALA B 71 -23.38 -2.12 13.13
CA ALA B 71 -24.80 -1.82 13.38
C ALA B 71 -25.08 -2.19 14.84
N SER B 72 -25.35 -3.47 15.07
CA SER B 72 -25.62 -4.06 16.39
C SER B 72 -24.93 -3.53 17.69
N ILE B 73 -25.51 -3.94 18.82
CA ILE B 73 -25.12 -3.53 20.20
C ILE B 73 -23.63 -3.64 20.45
N SER B 74 -23.04 -2.52 20.85
CA SER B 74 -21.65 -2.48 21.23
C SER B 74 -21.27 -3.49 22.32
N PRO B 75 -21.63 -3.23 23.60
CA PRO B 75 -21.00 -4.09 24.63
C PRO B 75 -21.34 -5.59 24.53
N ALA B 76 -22.62 -5.96 24.50
CA ALA B 76 -23.00 -7.33 24.19
C ALA B 76 -22.98 -7.40 22.68
N ARG B 77 -23.78 -8.29 22.12
CA ARG B 77 -23.47 -8.85 20.81
C ARG B 77 -21.95 -9.06 20.79
N LEU B 78 -21.22 -8.15 20.15
CA LEU B 78 -19.76 -8.21 20.06
C LEU B 78 -19.13 -8.92 21.25
N GLY B 79 -19.16 -8.27 22.41
CA GLY B 79 -18.60 -8.85 23.63
C GLY B 79 -18.98 -10.29 23.82
N ARG B 80 -20.27 -10.55 23.97
CA ARG B 80 -20.77 -11.91 24.14
C ARG B 80 -20.42 -12.77 22.95
N VAL B 81 -20.76 -12.30 21.75
CA VAL B 81 -20.54 -13.07 20.53
C VAL B 81 -19.04 -13.46 20.33
N GLY B 82 -18.13 -12.52 20.54
CA GLY B 82 -16.70 -12.83 20.53
C GLY B 82 -16.45 -14.00 21.47
N VAL B 83 -16.68 -13.78 22.75
CA VAL B 83 -16.46 -14.78 23.79
C VAL B 83 -17.12 -16.10 23.48
N LYS B 84 -18.35 -16.06 23.00
CA LYS B 84 -19.04 -17.26 22.53
C LYS B 84 -18.25 -17.98 21.45
N ILE B 85 -17.96 -17.26 20.38
CA ILE B 85 -17.35 -17.86 19.21
C ILE B 85 -15.91 -18.31 19.50
N VAL B 86 -15.17 -17.51 20.26
CA VAL B 86 -13.85 -17.88 20.76
C VAL B 86 -13.95 -19.21 21.50
N VAL B 87 -14.79 -19.25 22.53
CA VAL B 87 -14.99 -20.48 23.30
C VAL B 87 -15.45 -21.60 22.41
N TYR B 88 -16.41 -21.32 21.54
CA TYR B 88 -16.83 -22.33 20.60
C TYR B 88 -15.62 -22.87 19.84
N TYR B 89 -14.84 -21.97 19.25
CA TYR B 89 -13.75 -22.33 18.37
C TYR B 89 -12.73 -23.26 19.03
N LEU B 90 -12.35 -22.93 20.26
CA LEU B 90 -11.36 -23.67 21.03
C LEU B 90 -11.75 -25.11 21.18
N LEU B 91 -12.99 -25.36 21.56
CA LEU B 91 -13.43 -26.69 21.86
C LEU B 91 -13.65 -27.52 20.61
N THR B 92 -14.10 -26.90 19.54
CA THR B 92 -14.21 -27.59 18.26
C THR B 92 -12.86 -28.08 17.77
N SER B 93 -11.85 -27.21 17.89
CA SER B 93 -10.49 -27.58 17.53
C SER B 93 -9.89 -28.60 18.51
N ALA B 94 -9.95 -28.34 19.81
CA ALA B 94 -9.46 -29.31 20.81
C ALA B 94 -10.08 -30.68 20.63
N PHE B 95 -11.31 -30.71 20.17
CA PHE B 95 -11.92 -31.98 19.81
C PHE B 95 -11.28 -32.56 18.56
N ALA B 96 -11.28 -31.77 17.49
CA ALA B 96 -10.81 -32.21 16.18
C ALA B 96 -9.50 -33.01 16.18
N VAL B 97 -8.50 -32.56 16.95
CA VAL B 97 -7.24 -33.33 17.07
C VAL B 97 -7.48 -34.70 17.71
N THR B 98 -8.16 -34.72 18.86
CA THR B 98 -8.48 -35.93 19.58
C THR B 98 -9.19 -36.96 18.70
N LEU B 99 -10.11 -36.48 17.87
CA LEU B 99 -10.69 -37.29 16.81
C LEU B 99 -9.63 -37.86 15.83
N GLY B 100 -8.64 -37.05 15.44
CA GLY B 100 -7.55 -37.50 14.57
C GLY B 100 -6.45 -38.32 15.26
N ILE B 101 -6.42 -38.25 16.59
CA ILE B 101 -5.59 -39.11 17.43
C ILE B 101 -6.19 -40.50 17.35
N ILE B 102 -7.50 -40.53 17.55
CA ILE B 102 -8.28 -41.76 17.55
C ILE B 102 -8.32 -42.40 16.18
N MET B 103 -8.23 -41.59 15.14
CA MET B 103 -8.14 -42.10 13.78
C MET B 103 -6.79 -42.74 13.44
N ALA B 104 -5.75 -42.32 14.14
CA ALA B 104 -4.40 -42.81 13.89
C ALA B 104 -3.96 -43.86 14.91
N ARG B 105 -4.81 -44.12 15.90
CA ARG B 105 -4.68 -45.30 16.73
C ARG B 105 -5.44 -46.41 16.02
N LEU B 106 -6.52 -46.04 15.33
CA LEU B 106 -7.40 -46.95 14.59
C LEU B 106 -6.73 -47.48 13.33
N PHE B 107 -6.59 -46.61 12.34
CA PHE B 107 -5.70 -46.91 11.24
C PHE B 107 -4.33 -46.73 11.86
N ASN B 108 -3.40 -47.62 11.56
CA ASN B 108 -2.07 -47.48 12.13
C ASN B 108 -1.05 -47.23 11.04
N PRO B 109 -0.83 -45.95 10.71
CA PRO B 109 -0.03 -45.53 9.55
C PRO B 109 1.48 -45.36 9.82
N GLY B 110 2.19 -46.48 9.86
CA GLY B 110 3.64 -46.49 10.01
C GLY B 110 4.15 -47.83 10.46
N ALA B 111 4.35 -48.72 9.50
CA ALA B 111 5.05 -49.97 9.74
C ALA B 111 6.35 -49.87 8.97
N GLY B 112 6.23 -49.85 7.64
CA GLY B 112 7.35 -49.73 6.70
C GLY B 112 8.24 -48.56 7.06
N ILE B 113 9.53 -48.86 7.26
CA ILE B 113 10.54 -47.89 7.74
C ILE B 113 10.81 -46.82 6.69
N HIS B 114 10.75 -45.56 7.14
CA HIS B 114 10.90 -44.34 6.31
C HIS B 114 12.10 -44.48 5.41
N LEU B 115 11.79 -44.86 4.17
CA LEU B 115 12.73 -45.38 3.19
C LEU B 115 14.06 -44.61 3.14
N ALA B 116 14.23 -43.85 2.07
CA ALA B 116 15.43 -43.08 1.77
C ALA B 116 15.60 -41.89 2.72
N VAL B 117 16.85 -41.50 2.93
CA VAL B 117 17.16 -40.32 3.74
C VAL B 117 17.95 -39.29 2.87
N GLY B 118 17.61 -38.01 3.00
CA GLY B 118 18.25 -36.95 2.19
C GLY B 118 17.28 -36.18 1.31
N PRO B 128 7.79 -17.86 16.41
CA PRO B 128 7.45 -16.43 16.47
C PRO B 128 7.12 -16.00 17.90
N PRO B 129 7.41 -14.73 18.24
CA PRO B 129 7.50 -14.32 19.66
C PRO B 129 6.19 -14.25 20.44
N LEU B 130 5.08 -14.71 19.82
CA LEU B 130 3.72 -14.75 20.42
C LEU B 130 3.15 -13.37 20.77
N VAL B 131 3.85 -12.70 21.68
CA VAL B 131 3.54 -11.36 22.09
C VAL B 131 3.68 -10.44 20.91
N HIS B 132 4.82 -10.47 20.25
CA HIS B 132 4.95 -9.73 19.02
C HIS B 132 4.12 -10.41 17.91
N ILE B 133 2.97 -10.97 18.29
CA ILE B 133 1.91 -11.35 17.36
C ILE B 133 0.62 -10.67 17.75
N LEU B 134 0.35 -10.67 19.06
CA LEU B 134 -0.83 -10.02 19.60
C LEU B 134 -0.79 -8.55 19.32
N LEU B 135 0.34 -7.92 19.61
CA LEU B 135 0.51 -6.53 19.26
C LEU B 135 0.26 -6.25 17.79
N ASP B 136 0.44 -7.26 16.95
CA ASP B 136 0.34 -7.10 15.50
C ASP B 136 -1.08 -7.15 14.97
N ILE B 137 -2.02 -7.44 15.85
CA ILE B 137 -3.46 -7.35 15.56
C ILE B 137 -3.89 -5.88 15.54
N VAL B 138 -3.31 -5.07 16.42
CA VAL B 138 -3.59 -3.65 16.38
C VAL B 138 -2.74 -3.05 15.29
N PRO B 139 -3.33 -2.72 14.12
CA PRO B 139 -2.57 -2.14 13.00
C PRO B 139 -1.90 -0.84 13.36
N THR B 140 -0.91 -0.41 12.60
CA THR B 140 -0.25 0.85 12.90
C THR B 140 -0.58 1.83 11.80
N ASN B 141 -1.16 1.29 10.74
CA ASN B 141 -1.65 2.10 9.64
C ASN B 141 -2.68 1.29 8.89
N PRO B 142 -3.95 1.64 9.06
CA PRO B 142 -5.06 0.84 8.59
C PRO B 142 -5.19 0.82 7.09
N PHE B 143 -4.56 1.76 6.40
CA PHE B 143 -4.52 1.70 4.93
C PHE B 143 -3.43 0.73 4.50
N GLY B 144 -2.37 0.68 5.29
CA GLY B 144 -1.34 -0.33 5.11
C GLY B 144 -2.02 -1.68 5.23
N ALA B 145 -2.50 -1.97 6.43
CA ALA B 145 -3.19 -3.22 6.72
C ALA B 145 -4.18 -3.57 5.64
N LEU B 146 -4.85 -2.59 5.09
CA LEU B 146 -5.79 -2.89 4.04
C LEU B 146 -5.09 -3.37 2.77
N ALA B 147 -4.09 -2.59 2.36
CA ALA B 147 -3.48 -2.76 1.06
C ALA B 147 -2.56 -3.98 1.03
N ASN B 148 -2.24 -4.53 2.18
CA ASN B 148 -1.42 -5.71 2.27
C ASN B 148 -2.18 -6.78 2.97
N GLY B 149 -3.13 -7.42 2.31
CA GLY B 149 -3.93 -8.50 2.95
C GLY B 149 -4.30 -8.14 4.37
N GLN B 150 -3.95 -8.99 5.33
CA GLN B 150 -3.97 -8.67 6.79
C GLN B 150 -5.36 -8.50 7.37
N VAL B 151 -6.23 -9.45 7.04
CA VAL B 151 -7.53 -9.58 7.65
C VAL B 151 -7.55 -9.25 9.14
N LEU B 152 -6.69 -9.83 9.93
CA LEU B 152 -6.87 -9.73 11.35
C LEU B 152 -6.81 -8.32 11.94
N PRO B 153 -5.77 -7.54 11.60
CA PRO B 153 -5.74 -6.16 12.10
C PRO B 153 -6.80 -5.30 11.50
N THR B 154 -7.15 -5.58 10.25
CA THR B 154 -8.34 -5.04 9.60
C THR B 154 -9.58 -5.27 10.44
N ILE B 155 -9.93 -6.52 10.71
CA ILE B 155 -11.01 -6.82 11.62
C ILE B 155 -11.00 -5.86 12.80
N PHE B 156 -9.87 -5.85 13.52
CA PHE B 156 -9.78 -5.10 14.75
C PHE B 156 -10.12 -3.66 14.53
N PHE B 157 -9.55 -3.07 13.49
CA PHE B 157 -9.89 -1.71 13.19
C PHE B 157 -11.30 -1.50 12.68
N ALA B 158 -11.74 -2.32 11.72
CA ALA B 158 -13.10 -2.23 11.11
C ALA B 158 -14.19 -2.20 12.17
N ILE B 159 -14.04 -3.05 13.17
CA ILE B 159 -14.83 -2.95 14.37
C ILE B 159 -14.75 -1.55 15.00
N ILE B 160 -13.57 -1.13 15.43
CA ILE B 160 -13.42 0.14 16.09
C ILE B 160 -14.02 1.29 15.30
N LEU B 161 -13.89 1.26 13.98
CA LEU B 161 -14.52 2.28 13.17
C LEU B 161 -16.05 2.21 13.22
N GLY B 162 -16.58 1.04 12.88
CA GLY B 162 -18.02 0.81 12.87
C GLY B 162 -18.71 1.15 14.17
N ILE B 163 -17.98 1.10 15.30
CA ILE B 163 -18.48 1.51 16.61
C ILE B 163 -18.42 3.00 16.80
N ALA B 164 -17.29 3.61 16.51
CA ALA B 164 -17.22 5.07 16.55
C ALA B 164 -18.32 5.68 15.70
N ILE B 165 -18.65 5.07 14.58
CA ILE B 165 -19.73 5.54 13.73
C ILE B 165 -21.06 5.50 14.46
N THR B 166 -21.40 4.37 15.06
CA THR B 166 -22.63 4.24 15.83
C THR B 166 -22.77 5.43 16.78
N TYR B 167 -21.75 5.66 17.61
CA TYR B 167 -21.71 6.77 18.59
C TYR B 167 -21.71 8.16 17.99
N LEU B 168 -21.16 8.29 16.78
CA LEU B 168 -21.19 9.58 16.12
C LEU B 168 -22.61 9.94 15.72
N MET B 169 -23.37 8.94 15.32
CA MET B 169 -24.72 9.14 14.79
C MET B 169 -25.73 9.62 15.84
N ASN B 170 -25.53 9.20 17.10
CA ASN B 170 -26.32 9.68 18.24
C ASN B 170 -25.68 10.90 18.91
N SER B 171 -25.01 11.72 18.11
CA SER B 171 -24.51 13.00 18.59
C SER B 171 -25.63 14.05 18.61
N GLU B 172 -25.54 14.97 19.56
CA GLU B 172 -26.43 16.13 19.62
C GLU B 172 -26.27 16.97 18.34
N ASN B 173 -25.01 17.27 17.98
CA ASN B 173 -24.70 17.94 16.70
C ASN B 173 -25.20 17.09 15.54
N GLU B 174 -25.88 17.72 14.60
CA GLU B 174 -26.49 16.98 13.50
C GLU B 174 -25.80 17.22 12.17
N LYS B 175 -24.66 17.90 12.22
CA LYS B 175 -23.68 17.91 11.11
C LYS B 175 -22.76 16.70 11.31
N VAL B 176 -22.39 16.45 12.57
CA VAL B 176 -21.74 15.19 12.98
C VAL B 176 -22.61 14.04 12.53
N ARG B 177 -23.84 13.97 13.02
CA ARG B 177 -24.74 12.88 12.65
C ARG B 177 -25.12 12.84 11.16
N LYS B 178 -24.89 13.94 10.43
CA LYS B 178 -25.16 13.98 8.98
C LYS B 178 -24.10 13.16 8.24
N SER B 179 -22.86 13.67 8.27
CA SER B 179 -21.70 13.02 7.68
C SER B 179 -21.51 11.56 8.13
N ALA B 180 -21.74 11.29 9.41
CA ALA B 180 -21.57 9.93 9.92
C ALA B 180 -22.49 8.96 9.24
N GLU B 181 -23.75 9.30 9.09
CA GLU B 181 -24.65 8.38 8.41
C GLU B 181 -24.27 8.26 6.94
N THR B 182 -23.77 9.37 6.38
CA THR B 182 -23.26 9.41 5.02
C THR B 182 -22.20 8.31 4.82
N LEU B 183 -21.13 8.43 5.58
CA LEU B 183 -20.00 7.50 5.52
C LEU B 183 -20.51 6.09 5.63
N LEU B 184 -21.19 5.79 6.73
CA LEU B 184 -21.68 4.45 6.99
C LEU B 184 -22.42 3.84 5.80
N ASP B 185 -23.03 4.69 5.00
CA ASP B 185 -23.76 4.23 3.84
C ASP B 185 -22.84 3.77 2.72
N ALA B 186 -22.00 4.67 2.22
CA ALA B 186 -21.09 4.29 1.15
C ALA B 186 -20.39 2.95 1.45
N ILE B 187 -19.89 2.83 2.69
CA ILE B 187 -19.31 1.59 3.19
C ILE B 187 -20.28 0.44 2.99
N ASN B 188 -21.53 0.61 3.37
CA ASN B 188 -22.48 -0.44 3.06
C ASN B 188 -22.71 -0.61 1.57
N GLY B 189 -22.69 0.49 0.83
CA GLY B 189 -22.78 0.43 -0.62
C GLY B 189 -21.75 -0.56 -1.14
N LEU B 190 -20.53 -0.45 -0.64
CA LEU B 190 -19.43 -1.33 -1.02
C LEU B 190 -19.67 -2.78 -0.63
N ALA B 191 -19.77 -3.02 0.69
CA ALA B 191 -20.07 -4.35 1.25
C ALA B 191 -21.16 -5.03 0.40
N GLU B 192 -22.27 -4.33 0.23
CA GLU B 192 -23.32 -4.80 -0.65
C GLU B 192 -22.77 -5.16 -2.02
N ALA B 193 -22.03 -4.23 -2.65
CA ALA B 193 -21.54 -4.43 -4.02
C ALA B 193 -20.68 -5.67 -4.09
N MET B 194 -19.88 -5.92 -3.06
CA MET B 194 -18.99 -7.10 -3.08
C MET B 194 -19.85 -8.31 -3.18
N TYR B 195 -20.89 -8.36 -2.35
CA TYR B 195 -21.85 -9.48 -2.34
C TYR B 195 -22.52 -9.73 -3.69
N LYS B 196 -22.74 -8.63 -4.40
CA LYS B 196 -23.28 -8.67 -5.73
C LYS B 196 -22.29 -9.36 -6.64
N ILE B 197 -21.01 -9.08 -6.45
CA ILE B 197 -20.00 -9.67 -7.31
C ILE B 197 -19.68 -11.13 -6.98
N VAL B 198 -19.73 -11.50 -5.69
CA VAL B 198 -19.47 -12.90 -5.32
C VAL B 198 -20.47 -13.86 -5.99
N ASN B 199 -21.63 -13.33 -6.34
CA ASN B 199 -22.58 -14.03 -7.23
C ASN B 199 -22.06 -14.26 -8.67
N GLY B 200 -21.48 -13.24 -9.29
CA GLY B 200 -20.89 -13.35 -10.62
C GLY B 200 -19.69 -14.28 -10.70
N VAL B 201 -18.74 -14.08 -9.78
CA VAL B 201 -17.56 -14.92 -9.66
C VAL B 201 -17.92 -16.38 -9.40
N MET B 202 -19.13 -16.65 -8.92
CA MET B 202 -19.60 -18.01 -8.77
C MET B 202 -19.96 -18.70 -10.05
N GLN B 203 -20.21 -17.91 -11.09
CA GLN B 203 -20.47 -18.44 -12.42
C GLN B 203 -19.26 -19.18 -13.00
N TYR B 204 -18.09 -18.72 -12.60
CA TYR B 204 -16.88 -19.28 -13.11
C TYR B 204 -16.57 -20.60 -12.41
N ALA B 205 -17.04 -20.72 -11.17
CA ALA B 205 -16.80 -21.85 -10.28
C ALA B 205 -16.85 -23.24 -10.89
N PRO B 206 -17.83 -23.53 -11.77
CA PRO B 206 -17.80 -24.88 -12.39
C PRO B 206 -16.48 -25.19 -13.19
N ILE B 207 -16.05 -24.21 -14.00
CA ILE B 207 -14.79 -24.25 -14.74
C ILE B 207 -13.64 -24.13 -13.77
N GLY B 208 -13.65 -23.06 -12.98
CA GLY B 208 -12.72 -22.90 -11.87
C GLY B 208 -12.51 -24.18 -11.07
N VAL B 209 -13.59 -24.81 -10.63
CA VAL B 209 -13.49 -26.05 -9.86
C VAL B 209 -12.91 -27.19 -10.67
N PHE B 210 -13.48 -27.46 -11.85
CA PHE B 210 -13.01 -28.52 -12.76
C PHE B 210 -11.48 -28.50 -12.92
N ALA B 211 -10.97 -27.31 -13.21
CA ALA B 211 -9.55 -27.05 -13.42
C ALA B 211 -8.73 -27.22 -12.15
N LEU B 212 -9.32 -26.89 -11.03
CA LEU B 212 -8.62 -26.97 -9.76
C LEU B 212 -8.39 -28.40 -9.27
N ILE B 213 -9.39 -29.27 -9.36
CA ILE B 213 -9.16 -30.66 -8.96
C ILE B 213 -8.52 -31.42 -10.09
N ALA B 214 -8.74 -30.95 -11.32
CA ALA B 214 -8.00 -31.54 -12.45
C ALA B 214 -6.51 -31.57 -12.09
N TYR B 215 -6.00 -30.47 -11.57
CA TYR B 215 -4.62 -30.38 -11.18
C TYR B 215 -4.27 -31.34 -10.06
N VAL B 216 -4.78 -31.07 -8.86
CA VAL B 216 -4.45 -31.88 -7.67
C VAL B 216 -4.62 -33.39 -7.90
N MET B 217 -5.60 -33.77 -8.72
CA MET B 217 -5.75 -35.18 -9.07
C MET B 217 -4.59 -35.67 -9.96
N ALA B 218 -4.41 -35.01 -11.10
CA ALA B 218 -3.35 -35.34 -12.04
C ALA B 218 -1.97 -34.95 -11.53
N GLU B 219 -1.72 -35.10 -10.24
CA GLU B 219 -0.49 -34.57 -9.71
C GLU B 219 -0.08 -35.22 -8.41
N GLN B 220 -0.87 -35.00 -7.38
CA GLN B 220 -0.59 -35.66 -6.11
C GLN B 220 -1.51 -36.87 -5.92
N GLY B 221 -2.59 -36.92 -6.71
CA GLY B 221 -3.57 -38.02 -6.62
C GLY B 221 -3.01 -39.35 -7.09
N VAL B 222 -2.23 -39.31 -8.17
CA VAL B 222 -1.54 -40.49 -8.71
C VAL B 222 -0.26 -40.81 -7.90
N HIS B 223 -0.38 -40.75 -6.58
CA HIS B 223 0.72 -40.92 -5.64
C HIS B 223 0.12 -41.38 -4.34
N VAL B 224 -1.21 -41.38 -4.28
CA VAL B 224 -1.91 -41.85 -3.10
C VAL B 224 -2.02 -43.37 -3.19
N VAL B 225 -0.94 -44.03 -2.78
CA VAL B 225 -0.85 -45.49 -2.81
C VAL B 225 -0.10 -45.97 -1.56
N GLY B 226 -0.40 -47.21 -1.16
CA GLY B 226 0.20 -47.83 0.03
C GLY B 226 -0.07 -47.06 1.31
N GLU B 227 0.99 -46.87 2.09
CA GLU B 227 0.90 -46.15 3.37
C GLU B 227 0.42 -44.70 3.27
N LEU B 228 0.60 -44.10 2.10
CA LEU B 228 0.06 -42.78 1.81
C LEU B 228 -1.46 -42.80 1.68
N ALA B 229 -1.97 -43.80 0.98
CA ALA B 229 -3.40 -44.04 0.94
C ALA B 229 -3.94 -44.33 2.35
N LYS B 230 -3.18 -45.08 3.15
CA LYS B 230 -3.58 -45.37 4.51
C LYS B 230 -3.80 -44.12 5.34
N VAL B 231 -2.81 -43.22 5.35
CA VAL B 231 -2.92 -41.99 6.13
C VAL B 231 -4.09 -41.12 5.66
N THR B 232 -4.27 -41.05 4.33
CA THR B 232 -5.32 -40.26 3.72
C THR B 232 -6.69 -40.67 4.21
N ALA B 233 -6.94 -41.99 4.23
CA ALA B 233 -8.17 -42.53 4.81
C ALA B 233 -8.34 -42.09 6.28
N ALA B 234 -7.33 -42.38 7.11
CA ALA B 234 -7.30 -41.94 8.52
C ALA B 234 -7.61 -40.45 8.75
N VAL B 235 -7.24 -39.61 7.78
CA VAL B 235 -7.65 -38.21 7.77
C VAL B 235 -9.14 -38.04 7.42
N TYR B 236 -9.51 -38.37 6.19
CA TYR B 236 -10.83 -38.09 5.70
C TYR B 236 -11.97 -38.72 6.46
N VAL B 237 -11.75 -39.92 6.96
CA VAL B 237 -12.70 -40.53 7.91
C VAL B 237 -12.82 -39.64 9.18
N GLY B 238 -11.66 -39.19 9.69
CA GLY B 238 -11.62 -38.28 10.81
C GLY B 238 -12.39 -37.00 10.53
N LEU B 239 -12.21 -36.46 9.33
CA LEU B 239 -12.92 -35.26 8.88
C LEU B 239 -14.41 -35.47 8.74
N THR B 240 -14.79 -36.63 8.23
CA THR B 240 -16.20 -37.00 8.13
C THR B 240 -16.79 -37.14 9.52
N LEU B 241 -16.05 -37.81 10.39
CA LEU B 241 -16.51 -37.92 11.74
C LEU B 241 -16.45 -36.63 12.55
N GLN B 242 -15.79 -35.61 12.02
CA GLN B 242 -15.86 -34.32 12.68
C GLN B 242 -17.24 -33.77 12.42
N ILE B 243 -17.65 -33.82 11.16
CA ILE B 243 -18.98 -33.37 10.77
C ILE B 243 -20.06 -34.13 11.54
N LEU B 244 -20.23 -35.40 11.23
CA LEU B 244 -21.36 -36.14 11.74
C LEU B 244 -21.32 -36.14 13.24
N LEU B 245 -20.17 -36.50 13.80
CA LEU B 245 -20.05 -36.53 15.27
C LEU B 245 -20.10 -35.18 15.99
N VAL B 246 -19.68 -34.10 15.34
CA VAL B 246 -19.64 -32.83 16.06
C VAL B 246 -20.60 -31.82 15.50
N TYR B 247 -20.49 -31.56 14.20
CA TYR B 247 -21.29 -30.52 13.59
C TYR B 247 -22.74 -30.93 13.56
N PHE B 248 -23.07 -31.99 12.81
CA PHE B 248 -24.45 -32.45 12.75
C PHE B 248 -25.03 -32.54 14.13
N VAL B 249 -24.26 -33.10 15.06
CA VAL B 249 -24.67 -33.15 16.46
C VAL B 249 -24.91 -31.77 17.07
N LEU B 250 -23.89 -30.92 17.03
CA LEU B 250 -23.99 -29.62 17.67
C LEU B 250 -25.07 -28.76 17.04
N LEU B 251 -25.31 -28.99 15.75
CA LEU B 251 -26.40 -28.34 15.04
C LEU B 251 -27.72 -28.88 15.54
N LYS B 252 -27.86 -30.20 15.50
CA LYS B 252 -29.09 -30.85 15.94
C LYS B 252 -29.46 -30.34 17.33
N ILE B 253 -28.55 -30.52 18.31
CA ILE B 253 -28.81 -30.08 19.71
C ILE B 253 -29.23 -28.60 19.84
N TYR B 254 -28.62 -27.74 19.04
CA TYR B 254 -28.95 -26.33 19.14
C TYR B 254 -30.21 -25.94 18.38
N GLY B 255 -30.84 -26.95 17.79
CA GLY B 255 -32.17 -26.83 17.23
C GLY B 255 -32.16 -26.43 15.77
N ILE B 256 -30.98 -26.17 15.25
CA ILE B 256 -30.87 -25.87 13.83
C ILE B 256 -30.87 -27.18 13.05
N ASP B 257 -31.58 -27.17 11.92
CA ASP B 257 -31.58 -28.30 10.99
C ASP B 257 -30.22 -28.44 10.31
N PRO B 258 -29.49 -29.55 10.62
CA PRO B 258 -28.21 -29.85 9.99
C PRO B 258 -28.33 -29.88 8.48
N ILE B 259 -29.41 -30.51 8.00
CA ILE B 259 -29.60 -30.75 6.57
C ILE B 259 -29.97 -29.49 5.77
N SER B 260 -30.59 -28.53 6.43
CA SER B 260 -30.81 -27.24 5.82
C SER B 260 -29.47 -26.47 5.77
N PHE B 261 -28.69 -26.61 6.84
CA PHE B 261 -27.36 -25.99 6.99
C PHE B 261 -26.42 -26.38 5.86
N ILE B 262 -26.33 -27.69 5.62
CA ILE B 262 -25.53 -28.24 4.54
C ILE B 262 -26.00 -27.72 3.17
N LYS B 263 -27.32 -27.69 2.97
CA LYS B 263 -27.92 -27.25 1.73
C LYS B 263 -27.49 -25.81 1.42
N HIS B 264 -27.46 -24.99 2.47
CA HIS B 264 -27.11 -23.59 2.36
C HIS B 264 -25.61 -23.41 2.20
N ALA B 265 -24.84 -24.14 3.04
CA ALA B 265 -23.38 -24.08 3.03
C ALA B 265 -22.71 -24.93 1.95
N LYS B 266 -23.47 -25.38 0.95
CA LYS B 266 -22.94 -26.23 -0.11
C LYS B 266 -21.86 -25.50 -0.90
N ASP B 267 -22.10 -24.21 -1.13
CA ASP B 267 -21.25 -23.37 -1.97
C ASP B 267 -19.93 -23.02 -1.33
N ALA B 268 -19.96 -22.73 -0.04
CA ALA B 268 -18.74 -22.40 0.67
C ALA B 268 -17.85 -23.66 0.82
N MET B 269 -18.46 -24.81 1.10
CA MET B 269 -17.72 -26.06 1.31
C MET B 269 -17.00 -26.52 0.05
N LEU B 270 -17.60 -26.22 -1.08
CA LEU B 270 -17.09 -26.66 -2.34
C LEU B 270 -15.97 -25.77 -2.75
N THR B 271 -16.12 -24.46 -2.56
CA THR B 271 -15.04 -23.51 -2.81
C THR B 271 -13.84 -23.83 -1.89
N ALA B 272 -14.11 -23.88 -0.59
CA ALA B 272 -13.09 -24.20 0.42
C ALA B 272 -12.28 -25.49 0.17
N PHE B 273 -13.00 -26.57 -0.12
CA PHE B 273 -12.42 -27.82 -0.60
C PHE B 273 -11.49 -27.60 -1.81
N VAL B 274 -12.08 -27.08 -2.88
CA VAL B 274 -11.42 -26.95 -4.17
C VAL B 274 -10.29 -25.90 -4.14
N THR B 275 -10.54 -24.77 -3.47
CA THR B 275 -9.55 -23.69 -3.38
C THR B 275 -8.43 -24.02 -2.42
N ARG B 276 -8.79 -24.69 -1.33
CA ARG B 276 -7.89 -24.96 -0.19
C ARG B 276 -7.46 -23.68 0.51
N SER B 277 -7.98 -22.54 0.05
CA SER B 277 -7.80 -21.29 0.79
C SER B 277 -9.07 -20.94 1.53
N SER B 278 -8.99 -21.09 2.86
CA SER B 278 -10.01 -20.63 3.81
C SER B 278 -10.22 -19.14 3.57
N SER B 279 -9.12 -18.41 3.60
CA SER B 279 -9.15 -16.97 3.39
C SER B 279 -9.65 -16.57 2.03
N GLY B 280 -9.34 -17.35 0.99
CA GLY B 280 -9.84 -17.05 -0.37
C GLY B 280 -11.33 -17.28 -0.55
N THR B 281 -11.85 -18.22 0.25
CA THR B 281 -13.24 -18.65 0.25
C THR B 281 -14.17 -17.64 0.99
N LEU B 282 -13.62 -17.01 2.03
CA LEU B 282 -14.28 -15.95 2.79
C LEU B 282 -15.41 -15.12 2.14
N PRO B 283 -15.19 -14.50 0.95
CA PRO B 283 -16.38 -13.87 0.34
C PRO B 283 -17.55 -14.84 0.14
N VAL B 284 -17.29 -15.97 -0.50
CA VAL B 284 -18.34 -16.96 -0.68
C VAL B 284 -18.88 -17.51 0.64
N THR B 285 -18.02 -17.60 1.65
CA THR B 285 -18.49 -18.01 2.98
C THR B 285 -19.39 -16.95 3.59
N MET B 286 -18.98 -15.70 3.47
CA MET B 286 -19.74 -14.59 3.99
C MET B 286 -21.07 -14.37 3.24
N ARG B 287 -21.13 -14.73 1.96
CA ARG B 287 -22.36 -14.58 1.23
C ARG B 287 -23.26 -15.76 1.49
N VAL B 288 -22.72 -16.83 2.04
CA VAL B 288 -23.59 -17.90 2.48
C VAL B 288 -24.20 -17.58 3.86
N ALA B 289 -23.48 -16.81 4.66
CA ALA B 289 -23.98 -16.39 5.96
C ALA B 289 -25.08 -15.36 5.80
N LYS B 290 -24.87 -14.43 4.85
CA LYS B 290 -25.89 -13.47 4.47
C LYS B 290 -27.14 -14.24 4.03
N GLU B 291 -27.04 -15.03 2.96
CA GLU B 291 -28.20 -15.74 2.39
C GLU B 291 -28.58 -17.01 3.14
N MET B 292 -28.45 -16.97 4.46
CA MET B 292 -29.13 -17.89 5.37
C MET B 292 -29.61 -17.05 6.56
N GLY B 293 -29.57 -15.74 6.33
CA GLY B 293 -30.21 -14.75 7.18
C GLY B 293 -29.60 -14.59 8.55
N ILE B 294 -28.30 -14.32 8.59
CA ILE B 294 -27.71 -13.96 9.84
C ILE B 294 -27.35 -12.48 9.73
N SER B 295 -27.09 -11.87 10.87
CA SER B 295 -26.77 -10.47 10.90
C SER B 295 -25.32 -10.24 10.59
N GLU B 296 -25.07 -9.23 9.76
CA GLU B 296 -23.73 -8.71 9.55
C GLU B 296 -23.03 -8.42 10.87
N GLY B 297 -23.83 -8.09 11.89
CA GLY B 297 -23.36 -7.96 13.24
C GLY B 297 -22.61 -9.20 13.71
N ILE B 298 -23.12 -10.38 13.36
CA ILE B 298 -22.46 -11.60 13.77
C ILE B 298 -21.45 -11.97 12.70
N TYR B 299 -21.98 -12.42 11.57
CA TYR B 299 -21.17 -13.14 10.64
C TYR B 299 -19.95 -12.31 10.24
N SER B 300 -20.15 -11.03 9.93
CA SER B 300 -19.04 -10.19 9.46
C SER B 300 -17.92 -9.96 10.49
N PHE B 301 -17.99 -10.67 11.61
CA PHE B 301 -16.92 -10.66 12.59
C PHE B 301 -16.51 -12.06 12.93
N THR B 302 -17.47 -12.96 13.09
CA THR B 302 -17.11 -14.34 13.41
C THR B 302 -16.41 -15.03 12.24
N LEU B 303 -16.84 -14.71 11.03
CA LEU B 303 -16.35 -15.36 9.83
C LEU B 303 -14.89 -15.07 9.50
N PRO B 304 -14.52 -13.79 9.40
CA PRO B 304 -13.12 -13.52 9.15
C PRO B 304 -12.21 -13.96 10.28
N LEU B 305 -12.59 -13.69 11.52
CA LEU B 305 -11.84 -14.20 12.64
C LEU B 305 -11.62 -15.71 12.53
N GLY B 306 -12.73 -16.44 12.39
CA GLY B 306 -12.68 -17.90 12.37
C GLY B 306 -11.88 -18.42 11.20
N ALA B 307 -11.98 -17.68 10.11
CA ALA B 307 -11.31 -18.01 8.86
C ALA B 307 -9.77 -18.18 8.99
N THR B 308 -9.26 -17.92 10.20
CA THR B 308 -7.83 -17.99 10.46
C THR B 308 -7.62 -18.51 11.88
N ILE B 309 -8.69 -18.62 12.63
CA ILE B 309 -8.54 -19.17 13.96
C ILE B 309 -9.18 -20.56 14.07
N ASN B 310 -10.34 -20.76 13.44
CA ASN B 310 -11.00 -22.05 13.59
C ASN B 310 -10.64 -23.04 12.50
N MET B 311 -9.42 -23.54 12.60
CA MET B 311 -8.90 -24.55 11.71
C MET B 311 -9.11 -25.94 12.35
N ASP B 312 -10.33 -26.46 12.25
CA ASP B 312 -10.69 -27.75 12.89
C ASP B 312 -10.05 -28.89 12.10
N GLY B 313 -10.20 -28.81 10.77
CA GLY B 313 -9.69 -29.80 9.82
C GLY B 313 -8.16 -29.87 9.78
N THR B 314 -7.52 -28.82 10.26
CA THR B 314 -6.08 -28.85 10.41
C THR B 314 -5.74 -29.60 11.67
N ALA B 315 -6.37 -29.26 12.78
CA ALA B 315 -6.02 -29.91 14.04
C ALA B 315 -6.15 -31.43 13.96
N LEU B 316 -7.12 -31.91 13.20
CA LEU B 316 -7.22 -33.34 12.96
C LEU B 316 -6.02 -33.77 12.12
N TYR B 317 -5.86 -33.18 10.93
CA TYR B 317 -4.73 -33.45 10.01
C TYR B 317 -3.35 -33.45 10.70
N GLN B 318 -3.16 -32.55 11.63
CA GLN B 318 -1.91 -32.49 12.30
C GLN B 318 -1.78 -33.57 13.35
N GLY B 319 -2.89 -33.90 14.01
CA GLY B 319 -2.90 -34.95 15.05
C GLY B 319 -2.68 -36.33 14.45
N VAL B 320 -3.22 -36.50 13.25
CA VAL B 320 -3.08 -37.73 12.47
C VAL B 320 -1.74 -37.77 11.68
N CYS B 321 -1.00 -36.68 11.67
CA CYS B 321 0.28 -36.70 10.98
C CYS B 321 1.44 -36.87 11.91
N THR B 322 1.40 -36.16 13.04
CA THR B 322 2.30 -36.47 14.15
C THR B 322 2.33 -37.99 14.38
N PHE B 323 1.15 -38.61 14.44
CA PHE B 323 1.12 -40.05 14.53
C PHE B 323 1.76 -40.80 13.36
N PHE B 324 1.50 -40.36 12.14
CA PHE B 324 2.05 -41.05 10.97
C PHE B 324 3.56 -41.11 11.01
N ILE B 325 4.18 -40.00 11.41
CA ILE B 325 5.64 -39.94 11.44
C ILE B 325 6.18 -40.75 12.62
N ALA B 326 5.65 -40.51 13.80
CA ALA B 326 6.04 -41.25 15.00
C ALA B 326 5.76 -42.75 14.92
N ASN B 327 5.00 -43.18 13.91
CA ASN B 327 4.80 -44.61 13.65
C ASN B 327 5.86 -45.18 12.71
N ALA B 328 6.14 -44.47 11.62
CA ALA B 328 7.17 -44.86 10.66
C ALA B 328 8.57 -44.84 11.30
N LEU B 329 8.73 -43.99 12.31
CA LEU B 329 9.94 -43.94 13.13
C LEU B 329 9.79 -44.82 14.35
N GLY B 330 8.56 -45.14 14.72
CA GLY B 330 8.29 -46.09 15.79
C GLY B 330 8.58 -45.68 17.23
N SER B 331 8.33 -44.41 17.57
CA SER B 331 8.28 -44.04 18.99
C SER B 331 6.97 -44.58 19.61
N HIS B 332 6.91 -44.62 20.94
CA HIS B 332 5.72 -45.12 21.66
C HIS B 332 4.56 -44.13 21.61
N LEU B 333 4.84 -42.96 20.99
CA LEU B 333 3.95 -41.77 20.93
C LEU B 333 3.39 -41.44 22.31
N THR B 334 4.30 -41.41 23.28
CA THR B 334 4.00 -41.41 24.72
C THR B 334 2.62 -41.95 25.08
N VAL B 335 2.54 -43.27 25.33
CA VAL B 335 1.36 -43.89 25.98
C VAL B 335 1.14 -43.20 27.36
N GLY B 336 0.51 -42.02 27.28
CA GLY B 336 0.44 -41.01 28.35
C GLY B 336 0.34 -39.62 27.73
N GLN B 337 1.47 -38.91 27.65
CA GLN B 337 1.54 -37.50 27.20
C GLN B 337 1.55 -37.25 25.67
N GLN B 338 0.44 -37.62 25.04
CA GLN B 338 0.13 -37.26 23.66
C GLN B 338 -1.02 -36.26 23.67
N LEU B 339 -1.41 -35.83 24.87
CA LEU B 339 -2.30 -34.70 25.04
C LEU B 339 -1.52 -33.45 24.63
N THR B 340 -0.19 -33.57 24.66
CA THR B 340 0.70 -32.50 24.30
C THR B 340 0.74 -32.35 22.80
N ILE B 341 0.15 -33.31 22.09
CA ILE B 341 -0.17 -33.10 20.70
C ILE B 341 -1.42 -32.26 20.74
N VAL B 342 -2.50 -32.85 21.26
CA VAL B 342 -3.82 -32.18 21.36
C VAL B 342 -3.66 -30.70 21.66
N LEU B 343 -2.93 -30.39 22.73
CA LEU B 343 -2.65 -29.03 23.12
C LEU B 343 -2.00 -28.24 22.00
N THR B 344 -0.87 -28.73 21.52
CA THR B 344 -0.07 -28.00 20.54
C THR B 344 -0.75 -27.98 19.18
N ALA B 345 -1.57 -28.98 18.91
CA ALA B 345 -2.33 -29.02 17.66
C ALA B 345 -3.28 -27.84 17.60
N VAL B 346 -4.03 -27.67 18.68
CA VAL B 346 -4.86 -26.47 18.90
C VAL B 346 -4.04 -25.24 18.59
N LEU B 347 -2.98 -25.03 19.35
CA LEU B 347 -2.07 -23.89 19.22
C LEU B 347 -1.55 -23.68 17.81
N ALA B 348 -1.16 -24.76 17.17
CA ALA B 348 -0.69 -24.71 15.80
C ALA B 348 -1.86 -24.38 14.86
N SER B 349 -3.04 -24.93 15.15
CA SER B 349 -4.22 -24.71 14.30
C SER B 349 -4.56 -23.27 14.29
N ILE B 350 -4.69 -22.70 15.49
CA ILE B 350 -4.91 -21.28 15.70
C ILE B 350 -3.89 -20.45 14.90
N GLY B 351 -2.64 -20.89 14.90
CA GLY B 351 -1.59 -20.18 14.20
C GLY B 351 -1.68 -20.36 12.70
N THR B 352 -1.91 -21.60 12.26
CA THR B 352 -1.85 -21.97 10.83
C THR B 352 -2.64 -20.92 10.06
N ALA B 353 -2.07 -20.42 8.97
CA ALA B 353 -2.80 -19.44 8.19
C ALA B 353 -3.84 -20.06 7.25
N GLY B 354 -4.63 -19.23 6.60
CA GLY B 354 -5.69 -19.70 5.69
C GLY B 354 -5.28 -19.87 4.23
N VAL B 355 -3.98 -19.89 3.98
CA VAL B 355 -3.45 -20.09 2.62
C VAL B 355 -3.39 -21.63 2.34
N PRO B 356 -3.19 -22.06 1.05
CA PRO B 356 -3.45 -23.48 0.80
C PRO B 356 -2.23 -24.43 0.99
N GLY B 357 -1.33 -24.09 1.92
CA GLY B 357 -0.22 -24.96 2.27
C GLY B 357 -0.01 -25.13 3.75
N ALA B 358 -0.17 -24.04 4.49
CA ALA B 358 0.45 -23.90 5.82
C ALA B 358 0.24 -24.96 6.94
N GLY B 359 -0.73 -25.87 6.82
CA GLY B 359 -0.93 -26.90 7.86
C GLY B 359 0.24 -27.89 7.91
N ALA B 360 0.70 -28.24 6.70
CA ALA B 360 1.92 -28.96 6.49
C ALA B 360 3.02 -28.21 7.23
N ILE B 361 3.32 -27.02 6.73
CA ILE B 361 4.40 -26.20 7.26
C ILE B 361 4.33 -26.07 8.77
N MET B 362 3.15 -25.76 9.29
CA MET B 362 2.99 -25.59 10.72
C MET B 362 3.00 -26.89 11.52
N LEU B 363 2.72 -28.01 10.87
CA LEU B 363 2.76 -29.32 11.52
C LEU B 363 4.06 -29.51 12.31
N ALA B 364 5.13 -28.97 11.75
CA ALA B 364 6.44 -28.87 12.36
C ALA B 364 6.42 -28.50 13.85
N MET B 365 5.60 -27.52 14.21
CA MET B 365 5.55 -26.99 15.59
C MET B 365 4.92 -27.99 16.58
N VAL B 366 4.09 -28.88 16.08
CA VAL B 366 3.54 -29.91 16.95
C VAL B 366 4.49 -31.11 16.97
N LEU B 367 5.40 -31.15 16.01
CA LEU B 367 6.40 -32.22 15.91
C LEU B 367 7.52 -32.00 16.90
N HIS B 368 8.12 -30.80 16.88
CA HIS B 368 9.11 -30.42 17.89
C HIS B 368 8.50 -30.37 19.32
N SER B 369 7.17 -30.38 19.39
CA SER B 369 6.46 -30.49 20.67
C SER B 369 6.48 -31.93 21.23
N VAL B 370 6.39 -32.90 20.32
CA VAL B 370 6.49 -34.33 20.63
C VAL B 370 7.96 -34.79 20.65
N GLY B 371 8.86 -33.88 20.31
CA GLY B 371 10.30 -34.11 20.32
C GLY B 371 10.80 -34.93 19.13
N LEU B 372 10.53 -34.48 17.91
CA LEU B 372 11.07 -35.12 16.70
C LEU B 372 11.17 -34.14 15.56
N PRO B 373 12.22 -33.33 15.57
CA PRO B 373 12.43 -32.23 14.63
C PRO B 373 12.82 -32.64 13.20
N LEU B 374 12.58 -31.72 12.25
CA LEU B 374 12.91 -31.91 10.83
C LEU B 374 14.42 -31.79 10.59
N THR B 375 15.16 -31.83 11.70
CA THR B 375 16.60 -31.91 11.67
C THR B 375 17.08 -33.39 11.52
N ASP B 376 16.55 -34.29 12.38
CA ASP B 376 16.80 -35.75 12.34
C ASP B 376 16.22 -36.29 11.04
N PRO B 377 17.10 -36.49 10.01
CA PRO B 377 16.70 -36.39 8.60
C PRO B 377 15.85 -37.56 8.08
N ASN B 378 15.49 -38.46 8.99
CA ASN B 378 14.50 -39.52 8.77
C ASN B 378 13.07 -38.99 9.03
N VAL B 379 12.95 -38.21 10.12
CA VAL B 379 11.77 -37.36 10.35
C VAL B 379 11.58 -36.53 9.08
N ALA B 380 12.57 -35.71 8.75
CA ALA B 380 12.51 -34.87 7.57
C ALA B 380 12.27 -35.67 6.28
N ALA B 381 12.45 -36.99 6.34
CA ALA B 381 12.25 -37.88 5.18
C ALA B 381 10.84 -38.49 5.09
N ALA B 382 10.14 -38.46 6.23
CA ALA B 382 8.72 -38.83 6.32
C ALA B 382 7.83 -37.62 6.06
N TYR B 383 8.15 -36.53 6.76
CA TYR B 383 7.48 -35.26 6.57
C TYR B 383 7.51 -34.84 5.08
N ALA B 384 8.55 -35.29 4.35
CA ALA B 384 8.65 -34.93 2.95
C ALA B 384 7.82 -35.86 2.10
N MET B 385 7.40 -36.96 2.73
CA MET B 385 6.56 -37.94 2.10
C MET B 385 5.16 -37.41 2.15
N ILE B 386 4.74 -37.10 3.39
CA ILE B 386 3.50 -36.39 3.74
C ILE B 386 3.20 -35.24 2.78
N LEU B 387 4.25 -34.44 2.58
CA LEU B 387 4.21 -33.20 1.86
C LEU B 387 4.03 -33.46 0.40
N GLY B 388 4.32 -34.71 0.00
CA GLY B 388 4.11 -35.16 -1.36
C GLY B 388 2.64 -35.18 -1.74
N ILE B 389 1.75 -35.38 -0.76
CA ILE B 389 0.32 -35.40 -1.00
C ILE B 389 -0.43 -34.38 -0.14
N ASP B 390 0.14 -33.20 0.03
CA ASP B 390 -0.50 -32.32 1.00
C ASP B 390 -1.76 -31.73 0.47
N ALA B 391 -1.66 -31.22 -0.76
CA ALA B 391 -2.83 -30.67 -1.43
C ALA B 391 -4.04 -31.63 -1.51
N ILE B 392 -3.80 -32.95 -1.40
CA ILE B 392 -4.92 -33.88 -1.25
C ILE B 392 -5.54 -33.75 0.13
N LEU B 393 -4.71 -33.90 1.16
CA LEU B 393 -5.17 -33.72 2.52
C LEU B 393 -5.70 -32.31 2.75
N ASP B 394 -5.23 -31.38 1.93
CA ASP B 394 -5.58 -29.98 2.15
C ASP B 394 -7.06 -29.72 1.87
N MET B 395 -7.51 -30.12 0.67
CA MET B 395 -8.90 -29.92 0.24
C MET B 395 -9.91 -30.28 1.33
N GLY B 396 -9.85 -31.55 1.73
CA GLY B 396 -10.66 -32.08 2.83
C GLY B 396 -10.51 -31.19 4.05
N ARG B 397 -9.32 -31.22 4.64
CA ARG B 397 -8.99 -30.41 5.82
C ARG B 397 -9.57 -29.00 5.78
N THR B 398 -9.42 -28.31 4.64
CA THR B 398 -9.84 -26.91 4.48
C THR B 398 -11.32 -26.78 4.59
N MET B 399 -12.00 -27.55 3.77
CA MET B 399 -13.41 -27.55 3.76
C MET B 399 -13.99 -27.66 5.17
N VAL B 400 -13.45 -28.55 5.97
CA VAL B 400 -13.83 -28.66 7.38
C VAL B 400 -13.41 -27.47 8.24
N ASN B 401 -12.34 -26.79 7.85
CA ASN B 401 -11.92 -25.62 8.58
C ASN B 401 -12.99 -24.54 8.50
N VAL B 402 -13.57 -24.41 7.31
CA VAL B 402 -14.61 -23.42 6.96
C VAL B 402 -15.97 -23.75 7.56
N THR B 403 -16.36 -24.99 7.34
CA THR B 403 -17.58 -25.53 7.90
C THR B 403 -17.69 -25.25 9.41
N GLY B 404 -16.65 -25.63 10.16
CA GLY B 404 -16.47 -25.21 11.54
C GLY B 404 -16.78 -23.76 11.85
N ASP B 405 -16.44 -22.85 10.92
CA ASP B 405 -16.80 -21.45 11.10
C ASP B 405 -18.31 -21.28 11.00
N LEU B 406 -18.89 -21.83 9.93
CA LEU B 406 -20.31 -21.66 9.68
C LEU B 406 -21.12 -22.26 10.79
N THR B 407 -20.81 -23.50 11.13
CA THR B 407 -21.41 -24.11 12.28
C THR B 407 -21.37 -23.19 13.47
N GLY B 408 -20.17 -22.84 13.91
CA GLY B 408 -20.01 -21.95 15.05
C GLY B 408 -20.75 -20.65 14.99
N THR B 409 -20.65 -19.98 13.83
CA THR B 409 -21.34 -18.73 13.59
C THR B 409 -22.82 -18.99 13.83
N ALA B 410 -23.37 -19.92 13.03
CA ALA B 410 -24.80 -20.27 13.04
C ALA B 410 -25.31 -20.59 14.44
N ILE B 411 -24.60 -21.48 15.12
CA ILE B 411 -24.90 -21.78 16.51
C ILE B 411 -24.95 -20.50 17.33
N VAL B 412 -23.91 -19.68 17.25
CA VAL B 412 -23.88 -18.51 18.12
C VAL B 412 -24.87 -17.47 17.65
N ALA B 413 -25.09 -17.45 16.33
CA ALA B 413 -26.10 -16.57 15.74
C ALA B 413 -27.49 -16.87 16.29
N LYS B 414 -27.76 -18.14 16.57
CA LYS B 414 -29.01 -18.54 17.16
C LYS B 414 -29.04 -18.28 18.68
N THR B 415 -27.90 -18.34 19.33
CA THR B 415 -27.83 -18.02 20.77
C THR B 415 -28.15 -16.55 21.03
N GLU B 416 -27.60 -15.66 20.21
CA GLU B 416 -28.00 -14.27 20.30
C GLU B 416 -29.30 -14.06 19.52
N VAL C 12 -2.41 32.56 -21.30
CA VAL C 12 -2.71 31.60 -22.43
C VAL C 12 -2.03 30.18 -22.31
N LEU C 13 -2.53 29.21 -23.10
CA LEU C 13 -1.89 27.88 -23.27
C LEU C 13 -1.01 27.85 -24.55
N GLN C 14 -0.43 29.00 -24.85
CA GLN C 14 0.57 29.15 -25.87
C GLN C 14 1.83 29.58 -25.10
N LYS C 15 1.64 29.77 -23.80
CA LYS C 15 2.74 29.94 -22.85
C LYS C 15 3.48 28.60 -22.74
N ILE C 16 2.79 27.52 -23.13
CA ILE C 16 3.41 26.21 -23.29
C ILE C 16 4.39 26.20 -24.46
N LEU C 17 3.95 26.75 -25.58
CA LEU C 17 4.73 26.80 -26.80
C LEU C 17 5.84 27.81 -26.66
N ILE C 18 5.56 28.87 -25.89
CA ILE C 18 6.56 29.87 -25.51
C ILE C 18 7.64 29.24 -24.62
N GLY C 19 7.24 28.31 -23.76
CA GLY C 19 8.18 27.52 -22.94
C GLY C 19 8.88 26.38 -23.68
N LEU C 20 8.11 25.64 -24.47
CA LEU C 20 8.63 24.58 -25.31
C LEU C 20 9.67 25.10 -26.29
N ILE C 21 9.43 26.27 -26.87
CA ILE C 21 10.34 26.81 -27.87
C ILE C 21 11.52 27.47 -27.21
N LEU C 22 11.25 28.37 -26.28
CA LEU C 22 12.32 28.96 -25.51
C LEU C 22 13.20 27.84 -24.90
N GLY C 23 12.58 26.86 -24.25
CA GLY C 23 13.32 25.75 -23.62
C GLY C 23 14.12 24.85 -24.54
N ALA C 24 13.52 24.48 -25.68
CA ALA C 24 14.18 23.67 -26.69
C ALA C 24 15.45 24.40 -27.12
N ILE C 25 15.35 25.72 -27.25
CA ILE C 25 16.48 26.55 -27.68
C ILE C 25 17.50 26.70 -26.55
N VAL C 26 17.08 27.22 -25.40
CA VAL C 26 17.98 27.43 -24.25
C VAL C 26 18.68 26.13 -23.90
N GLY C 27 17.90 25.04 -23.92
CA GLY C 27 18.44 23.70 -23.75
C GLY C 27 19.51 23.38 -24.77
N LEU C 28 19.10 23.23 -26.02
CA LEU C 28 20.01 22.89 -27.11
C LEU C 28 21.36 23.60 -27.05
N ILE C 29 21.34 24.89 -26.78
CA ILE C 29 22.54 25.70 -26.65
C ILE C 29 23.47 25.30 -25.51
N LEU C 30 22.93 25.29 -24.30
CA LEU C 30 23.71 25.02 -23.08
C LEU C 30 24.39 23.64 -23.03
N GLY C 31 23.80 22.67 -23.74
CA GLY C 31 24.35 21.32 -23.82
C GLY C 31 25.42 21.18 -24.89
N HIS C 32 25.45 22.13 -25.83
CA HIS C 32 26.53 22.21 -26.81
C HIS C 32 27.78 22.80 -26.16
N TYR C 33 27.57 23.46 -25.02
CA TYR C 33 28.65 24.13 -24.31
C TYR C 33 28.97 23.41 -22.99
N GLY C 34 28.77 22.09 -23.01
CA GLY C 34 29.12 21.19 -21.89
C GLY C 34 28.44 21.44 -20.56
N TYR C 35 27.27 22.08 -20.61
CA TYR C 35 26.50 22.35 -19.41
C TYR C 35 25.30 21.43 -19.28
N ALA C 36 25.46 20.19 -19.73
CA ALA C 36 24.50 19.12 -19.50
C ALA C 36 24.23 18.98 -18.01
N HIS C 37 25.18 19.42 -17.21
CA HIS C 37 25.08 19.30 -15.77
C HIS C 37 24.68 20.55 -15.04
N ALA C 38 24.85 21.70 -15.66
CA ALA C 38 24.21 22.90 -15.15
C ALA C 38 22.69 22.74 -15.26
N VAL C 39 22.23 22.15 -16.36
CA VAL C 39 20.82 21.86 -16.57
C VAL C 39 20.30 20.81 -15.60
N HIS C 40 20.83 19.60 -15.72
CA HIS C 40 20.37 18.50 -14.90
C HIS C 40 20.32 18.84 -13.41
N THR C 41 21.30 19.58 -12.91
CA THR C 41 21.31 19.91 -11.50
C THR C 41 20.38 21.08 -11.18
N TYR C 42 20.04 21.88 -12.18
CA TYR C 42 19.33 23.16 -11.96
C TYR C 42 17.96 23.37 -12.60
N VAL C 43 17.66 22.63 -13.64
CA VAL C 43 16.49 22.91 -14.43
C VAL C 43 15.58 21.70 -14.42
N LYS C 44 16.14 20.50 -14.51
CA LYS C 44 15.34 19.24 -14.52
C LYS C 44 14.52 18.86 -13.25
N PRO C 45 14.73 19.55 -12.11
CA PRO C 45 13.75 19.39 -11.01
C PRO C 45 12.37 20.00 -11.28
N PHE C 46 12.32 21.21 -11.84
CA PHE C 46 11.09 21.91 -12.21
C PHE C 46 10.33 21.13 -13.24
N GLY C 47 11.06 20.47 -14.12
CA GLY C 47 10.48 19.53 -15.06
C GLY C 47 9.93 18.28 -14.38
N ASP C 48 10.62 17.83 -13.34
CA ASP C 48 10.16 16.65 -12.62
C ASP C 48 9.02 16.94 -11.66
N LEU C 49 9.08 18.10 -11.01
CA LEU C 49 8.01 18.55 -10.16
C LEU C 49 6.70 18.45 -10.89
N PHE C 50 6.68 19.02 -12.10
CA PHE C 50 5.52 19.00 -12.98
C PHE C 50 5.01 17.56 -13.10
N VAL C 51 5.94 16.64 -13.28
CA VAL C 51 5.57 15.26 -13.49
C VAL C 51 5.01 14.65 -12.22
N ARG C 52 5.72 14.85 -11.12
CA ARG C 52 5.28 14.38 -9.82
C ARG C 52 3.77 14.62 -9.64
N LEU C 53 3.36 15.85 -9.91
CA LEU C 53 1.99 16.31 -9.77
C LEU C 53 1.07 15.46 -10.59
N LEU C 54 1.39 15.32 -11.87
CA LEU C 54 0.56 14.60 -12.81
C LEU C 54 0.44 13.13 -12.46
N LYS C 55 1.44 12.62 -11.76
CA LYS C 55 1.43 11.25 -11.32
C LYS C 55 0.37 11.17 -10.24
N MET C 56 0.53 12.04 -9.24
CA MET C 56 -0.40 12.15 -8.11
C MET C 56 -1.89 11.93 -8.49
N LEU C 57 -2.30 12.57 -9.57
CA LEU C 57 -3.69 12.52 -9.98
C LEU C 57 -4.05 11.22 -10.66
N VAL C 58 -3.06 10.48 -11.16
CA VAL C 58 -3.42 9.39 -12.06
C VAL C 58 -4.23 8.34 -11.36
N MET C 59 -3.82 7.98 -10.17
CA MET C 59 -4.50 6.85 -9.62
C MET C 59 -5.99 7.10 -9.35
N PRO C 60 -6.31 8.18 -8.61
CA PRO C 60 -7.73 8.44 -8.30
C PRO C 60 -8.57 8.71 -9.56
N ILE C 61 -8.14 9.69 -10.37
CA ILE C 61 -8.83 10.04 -11.59
C ILE C 61 -9.21 8.79 -12.35
N VAL C 62 -8.27 7.85 -12.48
CA VAL C 62 -8.52 6.64 -13.28
C VAL C 62 -9.60 5.75 -12.66
N PHE C 63 -9.43 5.47 -11.35
CA PHE C 63 -10.33 4.62 -10.59
C PHE C 63 -11.73 5.16 -10.59
N ALA C 64 -11.82 6.40 -10.07
CA ALA C 64 -13.09 7.10 -9.88
C ALA C 64 -13.85 7.19 -11.21
N SER C 65 -13.24 7.85 -12.19
CA SER C 65 -13.88 8.01 -13.47
C SER C 65 -14.35 6.71 -14.12
N LEU C 66 -13.77 5.58 -13.74
CA LEU C 66 -14.23 4.36 -14.35
C LEU C 66 -15.43 3.79 -13.63
N VAL C 67 -15.50 4.01 -12.33
CA VAL C 67 -16.61 3.48 -11.55
C VAL C 67 -17.89 4.22 -11.97
N VAL C 68 -17.76 5.55 -12.02
CA VAL C 68 -18.77 6.47 -12.54
C VAL C 68 -18.99 6.26 -14.03
N GLY C 69 -17.92 5.95 -14.75
CA GLY C 69 -18.04 5.46 -16.13
C GLY C 69 -18.76 4.13 -16.29
N ALA C 70 -19.02 3.41 -15.19
CA ALA C 70 -20.03 2.35 -15.26
C ALA C 70 -21.42 2.88 -14.84
N ALA C 71 -21.64 4.16 -15.21
CA ALA C 71 -22.95 4.72 -15.54
C ALA C 71 -23.59 3.84 -16.63
N SER C 72 -23.18 4.13 -17.87
CA SER C 72 -23.59 3.42 -19.11
C SER C 72 -23.84 1.87 -19.13
N ILE C 73 -24.45 1.44 -20.25
CA ILE C 73 -25.02 0.09 -20.45
C ILE C 73 -23.98 -0.95 -20.19
N SER C 74 -24.34 -1.90 -19.34
CA SER C 74 -23.48 -3.02 -19.04
C SER C 74 -23.05 -3.82 -20.29
N PRO C 75 -23.95 -4.66 -20.86
CA PRO C 75 -23.44 -5.64 -21.85
C PRO C 75 -22.84 -4.99 -23.10
N ALA C 76 -23.60 -4.14 -23.78
CA ALA C 76 -23.06 -3.30 -24.84
C ALA C 76 -22.36 -2.16 -24.14
N ARG C 77 -22.30 -1.01 -24.81
CA ARG C 77 -21.25 -0.03 -24.56
C ARG C 77 -20.00 -0.87 -24.27
N LEU C 78 -19.68 -1.02 -22.98
CA LEU C 78 -18.52 -1.77 -22.53
C LEU C 78 -18.15 -2.87 -23.50
N GLY C 79 -19.02 -3.88 -23.60
CA GLY C 79 -18.77 -5.00 -24.49
C GLY C 79 -18.34 -4.56 -25.88
N ARG C 80 -19.23 -3.84 -26.55
CA ARG C 80 -18.96 -3.38 -27.90
C ARG C 80 -17.77 -2.43 -27.91
N VAL C 81 -17.79 -1.43 -27.03
CA VAL C 81 -16.73 -0.43 -26.98
C VAL C 81 -15.34 -1.05 -26.75
N GLY C 82 -15.23 -1.98 -25.81
CA GLY C 82 -14.01 -2.75 -25.60
C GLY C 82 -13.56 -3.31 -26.95
N VAL C 83 -14.35 -4.26 -27.46
CA VAL C 83 -14.06 -4.96 -28.72
C VAL C 83 -13.72 -4.02 -29.86
N LYS C 84 -14.46 -2.93 -29.95
CA LYS C 84 -14.17 -1.88 -30.91
C LYS C 84 -12.78 -1.33 -30.66
N ILE C 85 -12.55 -0.84 -29.45
CA ILE C 85 -11.31 -0.13 -29.19
C ILE C 85 -10.09 -1.06 -29.29
N VAL C 86 -10.22 -2.27 -28.74
CA VAL C 86 -9.26 -3.36 -28.90
C VAL C 86 -8.92 -3.55 -30.38
N VAL C 87 -9.95 -3.82 -31.20
CA VAL C 87 -9.77 -4.00 -32.65
C VAL C 87 -9.17 -2.76 -33.28
N TYR C 88 -9.64 -1.60 -32.84
CA TYR C 88 -9.08 -0.36 -33.32
C TYR C 88 -7.58 -0.34 -33.05
N TYR C 89 -7.25 -0.59 -31.78
CA TYR C 89 -5.88 -0.47 -31.28
C TYR C 89 -4.86 -1.33 -32.03
N LEU C 90 -5.23 -2.60 -32.22
CA LEU C 90 -4.41 -3.57 -32.95
C LEU C 90 -3.97 -3.07 -34.32
N LEU C 91 -4.94 -2.57 -35.07
CA LEU C 91 -4.73 -2.24 -36.47
C LEU C 91 -3.97 -0.96 -36.58
N THR C 92 -4.25 -0.02 -35.68
CA THR C 92 -3.46 1.21 -35.61
C THR C 92 -1.97 0.92 -35.40
N SER C 93 -1.70 -0.03 -34.48
CA SER C 93 -0.36 -0.42 -34.14
C SER C 93 0.26 -1.25 -35.26
N ALA C 94 -0.47 -2.27 -35.74
CA ALA C 94 0.02 -3.10 -36.85
C ALA C 94 0.38 -2.26 -38.07
N PHE C 95 -0.34 -1.17 -38.26
CA PHE C 95 0.01 -0.25 -39.31
C PHE C 95 1.30 0.47 -38.97
N ALA C 96 1.32 1.08 -37.79
CA ALA C 96 2.42 1.95 -37.35
C ALA C 96 3.85 1.40 -37.59
N VAL C 97 4.06 0.11 -37.32
CA VAL C 97 5.34 -0.52 -37.59
C VAL C 97 5.64 -0.52 -39.09
N THR C 98 4.69 -1.01 -39.89
CA THR C 98 4.78 -1.08 -41.34
C THR C 98 5.13 0.28 -41.94
N LEU C 99 4.54 1.34 -41.40
CA LEU C 99 4.93 2.70 -41.71
C LEU C 99 6.43 2.96 -41.35
N GLY C 100 6.88 2.45 -40.20
CA GLY C 100 8.28 2.61 -39.78
C GLY C 100 9.25 1.65 -40.47
N ILE C 101 8.70 0.59 -41.05
CA ILE C 101 9.45 -0.34 -41.93
C ILE C 101 9.78 0.43 -43.20
N ILE C 102 8.74 1.04 -43.74
CA ILE C 102 8.80 1.79 -44.97
C ILE C 102 9.68 3.03 -44.83
N MET C 103 9.69 3.61 -43.63
CA MET C 103 10.59 4.72 -43.35
C MET C 103 12.07 4.35 -43.31
N ALA C 104 12.34 3.08 -43.01
CA ALA C 104 13.70 2.60 -42.83
C ALA C 104 14.19 1.84 -44.06
N ARG C 105 13.29 1.67 -45.02
CA ARG C 105 13.68 1.24 -46.34
C ARG C 105 13.98 2.51 -47.10
N LEU C 106 13.28 3.58 -46.75
CA LEU C 106 13.39 4.90 -47.41
C LEU C 106 14.67 5.60 -47.04
N PHE C 107 14.74 6.05 -45.80
CA PHE C 107 15.99 6.46 -45.22
C PHE C 107 16.64 5.14 -44.95
N ASN C 108 17.93 5.02 -45.28
CA ASN C 108 18.66 3.77 -45.04
C ASN C 108 19.73 3.96 -43.97
N PRO C 109 19.34 3.76 -42.70
CA PRO C 109 20.16 4.08 -41.54
C PRO C 109 21.07 2.93 -41.08
N GLY C 110 22.18 2.76 -41.78
CA GLY C 110 23.21 1.80 -41.43
C GLY C 110 24.12 1.53 -42.61
N ALA C 111 25.15 2.37 -42.75
CA ALA C 111 26.25 2.11 -43.67
C ALA C 111 27.52 1.93 -42.83
N GLY C 112 27.98 3.03 -42.23
CA GLY C 112 29.12 3.05 -41.30
C GLY C 112 29.01 1.94 -40.26
N ILE C 113 30.05 1.10 -40.19
CA ILE C 113 30.08 -0.11 -39.35
C ILE C 113 30.12 0.27 -37.85
N HIS C 114 29.24 -0.36 -37.07
CA HIS C 114 29.09 -0.11 -35.63
C HIS C 114 30.44 -0.06 -34.94
N LEU C 115 30.98 1.16 -34.89
CA LEU C 115 32.30 1.44 -34.34
C LEU C 115 32.30 1.33 -32.80
N ALA C 116 33.34 0.67 -32.31
CA ALA C 116 33.60 0.29 -30.91
C ALA C 116 32.72 -0.81 -30.37
N VAL C 117 33.35 -1.82 -29.79
CA VAL C 117 32.61 -2.89 -29.16
C VAL C 117 32.98 -2.91 -27.66
N GLY C 118 32.02 -3.21 -26.80
CA GLY C 118 32.24 -3.17 -25.35
C GLY C 118 31.47 -2.07 -24.61
N GLY C 119 30.13 -2.10 -24.76
CA GLY C 119 29.15 -1.31 -23.99
C GLY C 119 28.33 -2.23 -23.09
N GLN C 120 27.79 -3.32 -23.67
CA GLN C 120 27.31 -4.57 -22.98
C GLN C 120 26.13 -4.59 -21.95
N GLN C 121 25.00 -5.14 -22.37
CA GLN C 121 23.83 -5.34 -21.51
C GLN C 121 23.48 -6.83 -21.40
N PHE C 122 22.52 -7.15 -20.53
CA PHE C 122 22.09 -8.54 -20.33
C PHE C 122 21.05 -8.97 -21.38
N GLN C 123 20.41 -10.12 -21.12
CA GLN C 123 19.38 -10.66 -22.01
C GLN C 123 18.29 -11.42 -21.24
N PRO C 128 8.74 -12.78 -20.11
CA PRO C 128 7.70 -12.97 -19.08
C PRO C 128 6.63 -13.97 -19.57
N PRO C 129 6.00 -14.70 -18.62
CA PRO C 129 5.24 -15.93 -18.94
C PRO C 129 3.92 -15.78 -19.67
N LEU C 130 3.62 -14.56 -20.12
CA LEU C 130 2.38 -14.23 -20.84
C LEU C 130 1.08 -14.55 -20.06
N VAL C 131 0.87 -15.82 -19.75
CA VAL C 131 -0.26 -16.26 -18.96
C VAL C 131 -0.17 -15.67 -17.56
N HIS C 132 0.97 -15.82 -16.91
CA HIS C 132 1.17 -15.12 -15.66
C HIS C 132 1.38 -13.61 -15.97
N ILE C 133 0.63 -13.10 -16.93
CA ILE C 133 0.45 -11.66 -17.10
C ILE C 133 -1.04 -11.41 -17.14
N LEU C 134 -1.75 -12.24 -17.88
CA LEU C 134 -3.18 -12.10 -17.99
C LEU C 134 -3.82 -12.30 -16.64
N LEU C 135 -3.39 -13.32 -15.92
CA LEU C 135 -3.90 -13.53 -14.57
C LEU C 135 -3.67 -12.32 -13.66
N ASP C 136 -2.66 -11.52 -14.00
CA ASP C 136 -2.24 -10.40 -13.15
C ASP C 136 -3.10 -9.19 -13.35
N ILE C 137 -3.95 -9.23 -14.38
CA ILE C 137 -4.94 -8.20 -14.61
C ILE C 137 -6.03 -8.28 -13.55
N VAL C 138 -6.40 -9.50 -13.16
CA VAL C 138 -7.33 -9.63 -12.06
C VAL C 138 -6.57 -9.43 -10.78
N PRO C 139 -6.79 -8.29 -10.08
CA PRO C 139 -6.05 -8.04 -8.83
C PRO C 139 -6.44 -9.00 -7.74
N THR C 140 -5.59 -9.14 -6.73
CA THR C 140 -5.87 -10.08 -5.64
C THR C 140 -6.26 -9.30 -4.40
N ASN C 141 -5.98 -8.01 -4.45
CA ASN C 141 -6.28 -7.05 -3.39
C ASN C 141 -6.29 -5.68 -4.03
N PRO C 142 -7.50 -5.16 -4.27
CA PRO C 142 -7.71 -3.93 -5.00
C PRO C 142 -7.11 -2.71 -4.29
N PHE C 143 -6.97 -2.76 -2.98
CA PHE C 143 -6.30 -1.67 -2.29
C PHE C 143 -4.80 -1.72 -2.54
N GLY C 144 -4.26 -2.92 -2.65
CA GLY C 144 -2.87 -3.09 -3.04
C GLY C 144 -2.69 -2.46 -4.40
N ALA C 145 -3.42 -3.00 -5.37
CA ALA C 145 -3.36 -2.54 -6.75
C ALA C 145 -3.37 -1.04 -6.81
N LEU C 146 -4.25 -0.44 -6.00
CA LEU C 146 -4.41 0.99 -5.98
C LEU C 146 -3.15 1.65 -5.48
N ALA C 147 -2.64 1.14 -4.36
CA ALA C 147 -1.58 1.82 -3.66
C ALA C 147 -0.24 1.59 -4.35
N ASN C 148 -0.20 0.64 -5.28
CA ASN C 148 1.03 0.42 -6.03
C ASN C 148 0.83 0.64 -7.52
N GLY C 149 0.73 1.89 -7.98
CA GLY C 149 0.37 2.15 -9.41
C GLY C 149 -0.67 1.13 -9.90
N GLN C 150 -0.37 0.42 -11.00
CA GLN C 150 -1.13 -0.78 -11.45
C GLN C 150 -2.47 -0.48 -12.04
N VAL C 151 -2.44 0.46 -12.96
CA VAL C 151 -3.58 0.87 -13.72
C VAL C 151 -4.42 -0.33 -14.17
N LEU C 152 -3.77 -1.33 -14.74
CA LEU C 152 -4.53 -2.34 -15.44
C LEU C 152 -5.49 -3.18 -14.58
N PRO C 153 -5.01 -3.71 -13.45
CA PRO C 153 -5.92 -4.48 -12.61
C PRO C 153 -6.94 -3.59 -11.97
N THR C 154 -6.52 -2.35 -11.69
CA THR C 154 -7.40 -1.27 -11.22
C THR C 154 -8.61 -1.10 -12.16
N ILE C 155 -8.33 -0.78 -13.43
CA ILE C 155 -9.34 -0.79 -14.48
C ILE C 155 -10.29 -1.98 -14.31
N PHE C 156 -9.72 -3.19 -14.34
CA PHE C 156 -10.51 -4.38 -14.30
C PHE C 156 -11.45 -4.35 -13.13
N PHE C 157 -10.94 -3.98 -11.96
CA PHE C 157 -11.79 -3.93 -10.78
C PHE C 157 -12.79 -2.78 -10.77
N ALA C 158 -12.30 -1.57 -11.12
CA ALA C 158 -13.12 -0.34 -11.11
C ALA C 158 -14.39 -0.52 -11.93
N ILE C 159 -14.23 -1.13 -13.10
CA ILE C 159 -15.35 -1.63 -13.88
C ILE C 159 -16.26 -2.52 -13.05
N ILE C 160 -15.76 -3.66 -12.59
CA ILE C 160 -16.57 -4.59 -11.83
C ILE C 160 -17.33 -3.87 -10.72
N LEU C 161 -16.67 -2.92 -10.06
CA LEU C 161 -17.35 -2.16 -8.99
C LEU C 161 -18.50 -1.36 -9.53
N GLY C 162 -18.15 -0.43 -10.42
CA GLY C 162 -19.09 0.44 -11.09
C GLY C 162 -20.33 -0.24 -11.63
N ILE C 163 -20.20 -1.50 -12.06
CA ILE C 163 -21.32 -2.30 -12.55
C ILE C 163 -22.14 -2.88 -11.42
N ALA C 164 -21.47 -3.36 -10.38
CA ALA C 164 -22.20 -3.89 -9.24
C ALA C 164 -23.03 -2.78 -8.66
N ILE C 165 -22.49 -1.55 -8.74
CA ILE C 165 -23.19 -0.34 -8.24
C ILE C 165 -24.50 -0.10 -8.99
N THR C 166 -24.40 0.00 -10.32
CA THR C 166 -25.57 0.11 -11.19
C THR C 166 -26.69 -0.87 -10.75
N TYR C 167 -26.38 -2.16 -10.71
CA TYR C 167 -27.33 -3.20 -10.29
C TYR C 167 -27.82 -3.04 -8.86
N LEU C 168 -26.99 -2.49 -7.99
CA LEU C 168 -27.36 -2.33 -6.59
C LEU C 168 -28.45 -1.29 -6.48
N MET C 169 -28.39 -0.30 -7.39
CA MET C 169 -29.28 0.85 -7.35
C MET C 169 -30.71 0.53 -7.78
N ASN C 170 -30.86 -0.44 -8.70
CA ASN C 170 -32.18 -0.96 -9.11
C ASN C 170 -32.69 -2.10 -8.26
N SER C 171 -32.29 -2.13 -6.98
CA SER C 171 -32.72 -3.15 -6.02
C SER C 171 -34.10 -2.77 -5.50
N GLU C 172 -34.92 -3.80 -5.25
CA GLU C 172 -36.21 -3.65 -4.57
C GLU C 172 -36.03 -3.00 -3.18
N ASN C 173 -35.11 -3.55 -2.37
CA ASN C 173 -34.65 -2.89 -1.13
C ASN C 173 -34.08 -1.50 -1.42
N GLU C 174 -34.55 -0.52 -0.64
CA GLU C 174 -34.19 0.87 -0.88
C GLU C 174 -33.25 1.42 0.17
N LYS C 175 -32.82 0.53 1.08
CA LYS C 175 -31.67 0.82 1.93
C LYS C 175 -30.43 0.45 1.12
N VAL C 176 -30.51 -0.68 0.41
CA VAL C 176 -29.53 -1.08 -0.61
C VAL C 176 -29.37 0.07 -1.61
N ARG C 177 -30.46 0.47 -2.25
CA ARG C 177 -30.38 1.55 -3.23
C ARG C 177 -30.07 2.94 -2.65
N LYS C 178 -30.21 3.09 -1.32
CA LYS C 178 -29.83 4.34 -0.62
C LYS C 178 -28.31 4.49 -0.60
N SER C 179 -27.66 3.61 0.17
CA SER C 179 -26.20 3.56 0.29
C SER C 179 -25.45 3.43 -1.04
N ALA C 180 -26.01 2.69 -1.99
CA ALA C 180 -25.37 2.51 -3.28
C ALA C 180 -25.22 3.83 -4.04
N GLU C 181 -26.31 4.59 -4.10
CA GLU C 181 -26.25 5.89 -4.77
C GLU C 181 -25.31 6.80 -3.99
N THR C 182 -25.31 6.67 -2.65
CA THR C 182 -24.41 7.41 -1.78
C THR C 182 -22.98 7.22 -2.26
N LEU C 183 -22.55 5.95 -2.26
CA LEU C 183 -21.18 5.56 -2.60
C LEU C 183 -20.85 6.14 -3.95
N LEU C 184 -21.65 5.79 -4.95
CA LEU C 184 -21.39 6.21 -6.33
C LEU C 184 -21.15 7.72 -6.46
N ASP C 185 -21.73 8.46 -5.54
CA ASP C 185 -21.59 9.90 -5.53
C ASP C 185 -20.23 10.35 -5.08
N ALA C 186 -19.86 10.02 -3.85
CA ALA C 186 -18.54 10.42 -3.35
C ALA C 186 -17.46 10.12 -4.38
N ILE C 187 -17.52 8.90 -4.95
CA ILE C 187 -16.60 8.45 -6.00
C ILE C 187 -16.58 9.46 -7.14
N ASN C 188 -17.76 9.89 -7.57
CA ASN C 188 -17.81 10.95 -8.57
C ASN C 188 -17.29 12.29 -8.01
N GLY C 189 -17.53 12.54 -6.72
CA GLY C 189 -17.02 13.74 -6.08
C GLY C 189 -15.52 13.79 -6.32
N LEU C 190 -14.87 12.65 -6.11
CA LEU C 190 -13.45 12.54 -6.32
C LEU C 190 -13.05 12.75 -7.78
N ALA C 191 -13.56 11.88 -8.66
CA ALA C 191 -13.28 11.93 -10.10
C ALA C 191 -13.34 13.37 -10.53
N GLU C 192 -14.45 13.99 -10.21
CA GLU C 192 -14.66 15.39 -10.48
C GLU C 192 -13.50 16.20 -9.93
N ALA C 193 -13.23 16.05 -8.63
CA ALA C 193 -12.22 16.85 -7.94
C ALA C 193 -10.88 16.72 -8.65
N MET C 194 -10.54 15.52 -9.13
CA MET C 194 -9.24 15.32 -9.83
C MET C 194 -9.20 16.22 -11.04
N TYR C 195 -10.27 16.17 -11.83
CA TYR C 195 -10.40 16.97 -13.03
C TYR C 195 -10.23 18.44 -12.73
N LYS C 196 -10.77 18.87 -11.59
CA LYS C 196 -10.58 20.24 -11.09
C LYS C 196 -9.10 20.52 -10.94
N ILE C 197 -8.37 19.53 -10.43
CA ILE C 197 -6.96 19.74 -10.15
C ILE C 197 -6.08 19.67 -11.39
N VAL C 198 -6.42 18.79 -12.35
CA VAL C 198 -5.62 18.70 -13.58
C VAL C 198 -5.59 20.04 -14.30
N ASN C 199 -6.58 20.86 -13.99
CA ASN C 199 -6.61 22.24 -14.45
C ASN C 199 -5.52 23.09 -13.79
N GLY C 200 -5.38 22.97 -12.47
CA GLY C 200 -4.38 23.74 -11.73
C GLY C 200 -2.95 23.37 -12.07
N VAL C 201 -2.70 22.05 -12.10
CA VAL C 201 -1.41 21.45 -12.49
C VAL C 201 -1.02 21.79 -13.93
N MET C 202 -1.98 22.22 -14.74
CA MET C 202 -1.67 22.70 -16.08
C MET C 202 -1.04 24.06 -16.08
N GLN C 203 -1.24 24.81 -14.99
CA GLN C 203 -0.65 26.13 -14.85
C GLN C 203 0.85 26.08 -14.79
N TYR C 204 1.34 24.96 -14.29
CA TYR C 204 2.76 24.77 -14.12
C TYR C 204 3.39 24.40 -15.44
N ALA C 205 2.60 23.74 -16.27
CA ALA C 205 3.01 23.21 -17.57
C ALA C 205 4.01 24.08 -18.38
N PRO C 206 3.78 25.41 -18.48
CA PRO C 206 4.76 26.17 -19.26
C PRO C 206 6.18 26.06 -18.71
N ILE C 207 6.31 26.17 -17.39
CA ILE C 207 7.60 26.04 -16.68
C ILE C 207 8.05 24.59 -16.75
N GLY C 208 7.14 23.71 -16.32
CA GLY C 208 7.31 22.27 -16.40
C GLY C 208 7.81 21.85 -17.76
N VAL C 209 7.16 22.32 -18.82
CA VAL C 209 7.59 22.01 -20.18
C VAL C 209 8.97 22.57 -20.51
N PHE C 210 9.15 23.88 -20.30
CA PHE C 210 10.43 24.56 -20.55
C PHE C 210 11.62 23.80 -19.98
N ALA C 211 11.50 23.43 -18.72
CA ALA C 211 12.50 22.68 -17.99
C ALA C 211 12.68 21.26 -18.51
N LEU C 212 11.60 20.63 -18.95
CA LEU C 212 11.68 19.27 -19.43
C LEU C 212 12.39 19.14 -20.75
N ILE C 213 12.11 19.99 -21.73
CA ILE C 213 12.90 19.92 -22.98
C ILE C 213 14.24 20.59 -22.83
N ALA C 214 14.31 21.58 -21.95
CA ALA C 214 15.60 22.17 -21.64
C ALA C 214 16.58 21.02 -21.41
N TYR C 215 16.13 20.01 -20.66
CA TYR C 215 16.99 18.88 -20.32
C TYR C 215 17.35 18.05 -21.52
N VAL C 216 16.34 17.40 -22.09
CA VAL C 216 16.55 16.48 -23.20
C VAL C 216 17.32 17.14 -24.36
N MET C 217 17.13 18.43 -24.55
CA MET C 217 17.92 19.13 -25.58
C MET C 217 19.40 19.28 -25.19
N ALA C 218 19.65 19.94 -24.07
CA ALA C 218 20.99 20.10 -23.55
C ALA C 218 21.65 18.79 -23.08
N GLU C 219 21.34 17.66 -23.72
CA GLU C 219 21.77 16.41 -23.13
C GLU C 219 21.92 15.33 -24.14
N GLN C 220 20.79 14.95 -24.75
CA GLN C 220 20.81 13.99 -25.85
C GLN C 220 20.70 14.68 -27.21
N GLY C 221 20.23 15.94 -27.22
CA GLY C 221 20.05 16.69 -28.45
C GLY C 221 21.37 17.07 -29.12
N VAL C 222 22.35 17.44 -28.30
CA VAL C 222 23.71 17.75 -28.78
C VAL C 222 24.51 16.46 -29.08
N HIS C 223 23.85 15.51 -29.73
CA HIS C 223 24.36 14.17 -29.98
C HIS C 223 23.65 13.62 -31.20
N VAL C 224 22.63 14.36 -31.65
CA VAL C 224 21.88 13.97 -32.84
C VAL C 224 22.64 14.50 -34.05
N VAL C 225 23.62 13.73 -34.49
CA VAL C 225 24.44 14.08 -35.62
C VAL C 225 24.73 12.82 -36.42
N GLY C 226 25.00 13.00 -37.70
CA GLY C 226 25.29 11.89 -38.60
C GLY C 226 24.19 10.85 -38.65
N GLU C 227 24.56 9.59 -38.59
CA GLU C 227 23.63 8.48 -38.69
C GLU C 227 22.55 8.46 -37.60
N LEU C 228 22.84 9.10 -36.46
CA LEU C 228 21.86 9.26 -35.40
C LEU C 228 20.79 10.26 -35.83
N ALA C 229 21.22 11.36 -36.46
CA ALA C 229 20.28 12.30 -37.08
C ALA C 229 19.46 11.62 -38.18
N LYS C 230 20.11 10.74 -38.95
CA LYS C 230 19.42 10.00 -39.99
C LYS C 230 18.27 9.18 -39.46
N VAL C 231 18.54 8.38 -38.43
CA VAL C 231 17.49 7.54 -37.85
C VAL C 231 16.37 8.36 -37.22
N THR C 232 16.73 9.48 -36.60
CA THR C 232 15.77 10.36 -35.96
C THR C 232 14.74 10.84 -36.97
N ALA C 233 15.23 11.33 -38.11
CA ALA C 233 14.38 11.75 -39.22
C ALA C 233 13.42 10.64 -39.60
N ALA C 234 13.96 9.48 -39.96
CA ALA C 234 13.18 8.30 -40.34
C ALA C 234 12.10 7.94 -39.30
N VAL C 235 12.33 8.31 -38.05
CA VAL C 235 11.32 8.11 -37.03
C VAL C 235 10.23 9.18 -37.16
N TYR C 236 10.62 10.44 -36.98
CA TYR C 236 9.68 11.53 -36.88
C TYR C 236 8.83 11.76 -38.12
N VAL C 237 9.43 11.57 -39.29
CA VAL C 237 8.68 11.55 -40.54
C VAL C 237 7.65 10.40 -40.52
N GLY C 238 8.05 9.23 -40.04
CA GLY C 238 7.15 8.10 -39.86
C GLY C 238 6.03 8.43 -38.91
N LEU C 239 6.37 9.18 -37.85
CA LEU C 239 5.39 9.63 -36.84
C LEU C 239 4.40 10.66 -37.39
N THR C 240 4.92 11.61 -38.15
CA THR C 240 4.11 12.59 -38.85
C THR C 240 3.15 11.90 -39.80
N LEU C 241 3.68 10.98 -40.58
CA LEU C 241 2.86 10.23 -41.49
C LEU C 241 1.93 9.23 -40.81
N GLN C 242 2.13 8.97 -39.53
CA GLN C 242 1.14 8.17 -38.86
C GLN C 242 -0.09 9.04 -38.65
N ILE C 243 0.13 10.26 -38.19
CA ILE C 243 -0.95 11.23 -38.03
C ILE C 243 -1.67 11.44 -39.35
N LEU C 244 -1.01 12.14 -40.27
CA LEU C 244 -1.65 12.60 -41.48
C LEU C 244 -2.24 11.42 -42.23
N LEU C 245 -1.42 10.39 -42.46
CA LEU C 245 -1.89 9.19 -43.17
C LEU C 245 -2.90 8.30 -42.44
N VAL C 246 -2.91 8.34 -41.12
CA VAL C 246 -3.82 7.43 -40.43
C VAL C 246 -4.82 8.16 -39.57
N TYR C 247 -4.36 9.08 -38.74
CA TYR C 247 -5.28 9.74 -37.83
C TYR C 247 -6.16 10.71 -38.55
N PHE C 248 -5.56 11.75 -39.13
CA PHE C 248 -6.32 12.73 -39.93
C PHE C 248 -7.27 12.01 -40.85
N VAL C 249 -6.77 11.00 -41.55
CA VAL C 249 -7.61 10.16 -42.41
C VAL C 249 -8.74 9.45 -41.68
N LEU C 250 -8.44 8.67 -40.64
CA LEU C 250 -9.47 7.90 -39.96
C LEU C 250 -10.48 8.81 -39.26
N LEU C 251 -10.02 10.00 -38.90
CA LEU C 251 -10.89 11.01 -38.36
C LEU C 251 -11.80 11.54 -39.45
N LYS C 252 -11.19 12.04 -40.53
CA LYS C 252 -11.95 12.57 -41.67
C LYS C 252 -13.07 11.59 -42.09
N ILE C 253 -12.70 10.35 -42.46
CA ILE C 253 -13.68 9.32 -42.87
C ILE C 253 -14.78 9.07 -41.85
N TYR C 254 -14.43 9.11 -40.57
CA TYR C 254 -15.43 8.87 -39.56
C TYR C 254 -16.29 10.10 -39.26
N GLY C 255 -15.97 11.19 -39.94
CA GLY C 255 -16.83 12.37 -39.98
C GLY C 255 -16.50 13.38 -38.92
N ILE C 256 -15.52 13.06 -38.09
CA ILE C 256 -15.04 14.00 -37.09
C ILE C 256 -14.00 14.91 -37.74
N ASP C 257 -14.07 16.19 -37.38
CA ASP C 257 -13.14 17.18 -37.86
C ASP C 257 -11.77 16.95 -37.22
N PRO C 258 -10.76 16.58 -38.06
CA PRO C 258 -9.39 16.40 -37.59
C PRO C 258 -8.90 17.66 -36.89
N ILE C 259 -9.15 18.81 -37.51
CA ILE C 259 -8.59 20.06 -37.05
C ILE C 259 -9.24 20.59 -35.77
N SER C 260 -10.46 20.13 -35.49
CA SER C 260 -11.07 20.41 -34.18
C SER C 260 -10.45 19.49 -33.14
N PHE C 261 -10.18 18.26 -33.56
CA PHE C 261 -9.60 17.21 -32.71
C PHE C 261 -8.24 17.63 -32.18
N ILE C 262 -7.37 18.07 -33.10
CA ILE C 262 -6.04 18.56 -32.78
C ILE C 262 -6.10 19.76 -31.84
N LYS C 263 -7.05 20.66 -32.09
CA LYS C 263 -7.24 21.85 -31.29
C LYS C 263 -7.53 21.48 -29.83
N HIS C 264 -8.36 20.44 -29.68
CA HIS C 264 -8.80 19.96 -28.38
C HIS C 264 -7.71 19.18 -27.67
N ALA C 265 -7.11 18.24 -28.41
CA ALA C 265 -6.02 17.37 -27.94
C ALA C 265 -4.63 18.03 -27.89
N LYS C 266 -4.56 19.36 -27.96
CA LYS C 266 -3.31 20.10 -27.97
C LYS C 266 -2.59 19.92 -26.64
N ASP C 267 -3.37 19.93 -25.57
CA ASP C 267 -2.83 19.84 -24.22
C ASP C 267 -2.28 18.47 -23.85
N ALA C 268 -2.99 17.42 -24.23
CA ALA C 268 -2.53 16.06 -24.00
C ALA C 268 -1.28 15.75 -24.81
N MET C 269 -1.24 16.21 -26.07
CA MET C 269 -0.10 15.96 -26.95
C MET C 269 1.15 16.63 -26.49
N LEU C 270 0.98 17.79 -25.88
CA LEU C 270 2.13 18.51 -25.46
C LEU C 270 2.74 17.90 -24.19
N THR C 271 1.88 17.58 -23.22
CA THR C 271 2.33 16.88 -22.03
C THR C 271 3.00 15.55 -22.41
N ALA C 272 2.28 14.68 -23.12
CA ALA C 272 2.81 13.39 -23.60
C ALA C 272 4.18 13.48 -24.29
N PHE C 273 4.29 14.44 -25.19
CA PHE C 273 5.56 14.73 -25.84
C PHE C 273 6.61 15.07 -24.78
N VAL C 274 6.33 16.09 -23.99
CA VAL C 274 7.32 16.64 -23.09
C VAL C 274 7.62 15.72 -21.88
N THR C 275 6.59 15.04 -21.40
CA THR C 275 6.72 14.12 -20.26
C THR C 275 7.30 12.78 -20.67
N ARG C 276 6.97 12.35 -21.88
CA ARG C 276 7.31 11.01 -22.37
C ARG C 276 6.68 9.93 -21.54
N SER C 277 5.91 10.30 -20.53
CA SER C 277 5.12 9.30 -19.87
C SER C 277 3.71 9.35 -20.39
N SER C 278 3.35 8.34 -21.17
CA SER C 278 1.95 8.10 -21.55
C SER C 278 1.10 7.99 -20.29
N SER C 279 1.54 7.18 -19.35
CA SER C 279 0.82 6.99 -18.11
C SER C 279 0.72 8.26 -17.22
N GLY C 280 1.73 9.13 -17.29
CA GLY C 280 1.73 10.35 -16.48
C GLY C 280 0.85 11.43 -17.06
N THR C 281 0.66 11.35 -18.38
CA THR C 281 -0.19 12.27 -19.14
C THR C 281 -1.70 11.98 -18.97
N LEU C 282 -2.03 10.70 -18.74
CA LEU C 282 -3.40 10.25 -18.47
C LEU C 282 -4.44 11.17 -17.80
N PRO C 283 -4.11 11.83 -16.67
CA PRO C 283 -5.11 12.83 -16.23
C PRO C 283 -5.38 13.89 -17.28
N VAL C 284 -4.32 14.49 -17.83
CA VAL C 284 -4.45 15.50 -18.88
C VAL C 284 -5.14 14.95 -20.13
N THR C 285 -4.83 13.70 -20.47
CA THR C 285 -5.53 13.08 -21.58
C THR C 285 -7.01 12.89 -21.26
N MET C 286 -7.30 12.44 -20.04
CA MET C 286 -8.66 12.18 -19.62
C MET C 286 -9.48 13.47 -19.46
N ARG C 287 -8.80 14.57 -19.16
CA ARG C 287 -9.50 15.84 -19.09
C ARG C 287 -9.62 16.48 -20.47
N VAL C 288 -8.88 15.98 -21.44
CA VAL C 288 -9.18 16.41 -22.80
C VAL C 288 -10.33 15.62 -23.39
N ALA C 289 -10.52 14.40 -22.91
CA ALA C 289 -11.63 13.59 -23.36
C ALA C 289 -12.92 14.14 -22.79
N LYS C 290 -12.87 14.54 -21.51
CA LYS C 290 -14.02 15.18 -20.86
C LYS C 290 -14.41 16.43 -21.63
N GLU C 291 -13.50 17.40 -21.72
CA GLU C 291 -13.78 18.68 -22.38
C GLU C 291 -13.70 18.68 -23.90
N MET C 292 -14.16 17.57 -24.48
CA MET C 292 -14.51 17.49 -25.89
C MET C 292 -15.76 16.64 -25.94
N GLY C 293 -16.32 16.42 -24.75
CA GLY C 293 -17.66 15.89 -24.59
C GLY C 293 -17.84 14.45 -24.95
N ILE C 294 -17.03 13.58 -24.35
CA ILE C 294 -17.26 12.17 -24.51
C ILE C 294 -17.74 11.67 -23.18
N SER C 295 -18.36 10.49 -23.18
CA SER C 295 -18.88 9.92 -21.94
C SER C 295 -17.78 9.25 -21.12
N GLU C 296 -17.80 9.49 -19.81
CA GLU C 296 -16.98 8.75 -18.85
C GLU C 296 -17.13 7.24 -19.09
N GLY C 297 -18.31 6.85 -19.58
CA GLY C 297 -18.55 5.47 -20.03
C GLY C 297 -17.58 4.95 -21.09
N ILE C 298 -17.21 5.83 -21.99
CA ILE C 298 -16.22 5.47 -23.00
C ILE C 298 -14.86 5.83 -22.44
N TYR C 299 -14.56 7.12 -22.42
CA TYR C 299 -13.20 7.53 -22.27
C TYR C 299 -12.56 6.97 -21.00
N SER C 300 -13.32 6.91 -19.89
CA SER C 300 -12.73 6.42 -18.63
C SER C 300 -12.43 4.91 -18.60
N PHE C 301 -12.56 4.26 -19.75
CA PHE C 301 -12.14 2.88 -19.89
C PHE C 301 -11.21 2.72 -21.09
N THR C 302 -11.50 3.41 -22.19
CA THR C 302 -10.63 3.29 -23.34
C THR C 302 -9.31 4.03 -23.12
N LEU C 303 -9.33 5.11 -22.35
CA LEU C 303 -8.11 5.90 -22.19
C LEU C 303 -7.03 5.26 -21.36
N PRO C 304 -7.36 4.72 -20.18
CA PRO C 304 -6.33 4.05 -19.39
C PRO C 304 -5.85 2.75 -20.04
N LEU C 305 -6.79 1.96 -20.55
CA LEU C 305 -6.44 0.74 -21.28
C LEU C 305 -5.45 1.05 -22.37
N GLY C 306 -5.80 1.99 -23.24
CA GLY C 306 -4.96 2.34 -24.39
C GLY C 306 -3.65 2.96 -24.00
N ALA C 307 -3.64 3.63 -22.85
CA ALA C 307 -2.47 4.33 -22.34
C ALA C 307 -1.29 3.40 -22.05
N THR C 308 -1.52 2.10 -22.23
CA THR C 308 -0.51 1.05 -22.02
C THR C 308 -0.59 -0.04 -23.12
N ILE C 309 -1.62 0.01 -23.95
CA ILE C 309 -1.80 -0.99 -25.01
C ILE C 309 -1.63 -0.33 -26.37
N ASN C 310 -2.18 0.88 -26.54
CA ASN C 310 -2.03 1.53 -27.84
C ASN C 310 -0.80 2.42 -27.98
N MET C 311 0.34 1.74 -28.04
CA MET C 311 1.62 2.38 -28.30
C MET C 311 1.88 2.33 -29.82
N ASP C 312 1.34 3.30 -30.56
CA ASP C 312 1.49 3.31 -32.01
C ASP C 312 2.85 3.88 -32.33
N GLY C 313 3.22 4.94 -31.61
CA GLY C 313 4.48 5.64 -31.79
C GLY C 313 5.65 4.78 -31.39
N THR C 314 5.39 3.79 -30.55
CA THR C 314 6.42 2.82 -30.21
C THR C 314 6.64 1.84 -31.34
N ALA C 315 5.56 1.22 -31.82
CA ALA C 315 5.66 0.22 -32.88
C ALA C 315 6.38 0.76 -34.12
N LEU C 316 6.24 2.05 -34.40
CA LEU C 316 6.99 2.65 -35.48
C LEU C 316 8.47 2.70 -35.10
N TYR C 317 8.77 3.37 -33.99
CA TYR C 317 10.13 3.47 -33.44
C TYR C 317 10.87 2.12 -33.36
N GLN C 318 10.14 1.07 -32.99
CA GLN C 318 10.73 -0.23 -32.89
C GLN C 318 10.97 -0.86 -34.26
N GLY C 319 10.05 -0.65 -35.19
CA GLY C 319 10.25 -1.14 -36.56
C GLY C 319 11.41 -0.45 -37.27
N VAL C 320 11.52 0.85 -37.04
CA VAL C 320 12.59 1.64 -37.59
C VAL C 320 13.91 1.50 -36.78
N CYS C 321 13.88 0.77 -35.68
CA CYS C 321 15.13 0.56 -34.96
C CYS C 321 15.75 -0.79 -35.23
N THR C 322 14.92 -1.82 -35.24
CA THR C 322 15.32 -3.10 -35.78
C THR C 322 16.09 -2.89 -37.11
N PHE C 323 15.50 -2.10 -38.01
CA PHE C 323 16.17 -1.82 -39.26
C PHE C 323 17.47 -1.06 -39.11
N PHE C 324 17.54 -0.13 -38.17
CA PHE C 324 18.76 0.63 -37.99
C PHE C 324 19.89 -0.24 -37.58
N ILE C 325 19.62 -1.19 -36.68
CA ILE C 325 20.67 -2.08 -36.19
C ILE C 325 21.07 -3.13 -37.26
N ALA C 326 20.07 -3.82 -37.81
CA ALA C 326 20.26 -4.76 -38.92
C ALA C 326 20.90 -4.15 -40.19
N ASN C 327 20.97 -2.82 -40.28
CA ASN C 327 21.66 -2.16 -41.38
C ASN C 327 23.12 -1.91 -41.03
N ALA C 328 23.37 -1.42 -39.83
CA ALA C 328 24.74 -1.17 -39.36
C ALA C 328 25.53 -2.48 -39.27
N LEU C 329 24.81 -3.58 -39.01
CA LEU C 329 25.37 -4.94 -39.02
C LEU C 329 25.24 -5.59 -40.39
N GLY C 330 24.34 -5.06 -41.21
CA GLY C 330 24.23 -5.47 -42.61
C GLY C 330 23.64 -6.84 -42.91
N SER C 331 22.66 -7.29 -42.11
CA SER C 331 21.83 -8.44 -42.51
C SER C 331 20.89 -8.03 -43.66
N HIS C 332 20.34 -9.00 -44.40
CA HIS C 332 19.41 -8.70 -45.51
C HIS C 332 18.03 -8.22 -45.01
N LEU C 333 17.86 -8.22 -43.68
CA LEU C 333 16.61 -7.93 -42.97
C LEU C 333 15.47 -8.76 -43.57
N THR C 334 15.76 -10.04 -43.77
CA THR C 334 14.95 -10.97 -44.56
C THR C 334 14.04 -10.29 -45.58
N VAL C 335 14.58 -10.07 -46.79
CA VAL C 335 13.76 -9.73 -47.98
C VAL C 335 12.67 -10.81 -48.18
N GLY C 336 11.60 -10.66 -47.36
CA GLY C 336 10.60 -11.71 -47.10
C GLY C 336 10.04 -11.55 -45.68
N GLN C 337 10.55 -12.35 -44.74
CA GLN C 337 10.02 -12.42 -43.37
C GLN C 337 10.52 -11.33 -42.41
N GLN C 338 10.18 -10.08 -42.74
CA GLN C 338 10.30 -8.93 -41.85
C GLN C 338 8.91 -8.51 -41.40
N LEU C 339 7.91 -9.30 -41.79
CA LEU C 339 6.56 -9.19 -41.22
C LEU C 339 6.65 -9.65 -39.76
N THR C 340 7.69 -10.43 -39.47
CA THR C 340 7.93 -10.96 -38.14
C THR C 340 8.43 -9.84 -37.25
N ILE C 341 8.85 -8.73 -37.84
CA ILE C 341 9.04 -7.52 -37.06
C ILE C 341 7.64 -7.02 -36.78
N VAL C 342 6.95 -6.61 -37.85
CA VAL C 342 5.58 -6.09 -37.76
C VAL C 342 4.78 -6.79 -36.66
N LEU C 343 4.76 -8.13 -36.71
CA LEU C 343 4.09 -8.94 -35.70
C LEU C 343 4.59 -8.67 -34.29
N THR C 344 5.90 -8.81 -34.11
CA THR C 344 6.49 -8.74 -32.79
C THR C 344 6.53 -7.30 -32.28
N ALA C 345 6.56 -6.35 -33.21
CA ALA C 345 6.53 -4.94 -32.84
C ALA C 345 5.21 -4.62 -32.17
N VAL C 346 4.12 -5.08 -32.79
CA VAL C 346 2.77 -5.08 -32.18
C VAL C 346 2.81 -5.64 -30.76
N LEU C 347 3.22 -6.90 -30.67
CA LEU C 347 3.34 -7.61 -29.40
C LEU C 347 4.20 -6.88 -28.40
N ALA C 348 5.29 -6.30 -28.87
CA ALA C 348 6.20 -5.55 -28.01
C ALA C 348 5.53 -4.24 -27.62
N SER C 349 4.84 -3.60 -28.57
CA SER C 349 4.14 -2.33 -28.35
C SER C 349 3.12 -2.51 -27.25
N ILE C 350 2.21 -3.43 -27.48
CA ILE C 350 1.28 -3.89 -26.43
C ILE C 350 1.93 -4.10 -25.04
N GLY C 351 3.11 -4.70 -25.02
CA GLY C 351 3.81 -4.93 -23.78
C GLY C 351 4.46 -3.69 -23.21
N THR C 352 5.11 -2.90 -24.08
CA THR C 352 5.96 -1.77 -23.67
C THR C 352 5.16 -0.98 -22.66
N ALA C 353 5.77 -0.59 -21.54
CA ALA C 353 5.02 0.22 -20.56
C ALA C 353 4.89 1.72 -20.94
N GLY C 354 4.04 2.45 -20.22
CA GLY C 354 3.89 3.88 -20.43
C GLY C 354 4.85 4.80 -19.67
N VAL C 355 5.96 4.23 -19.19
CA VAL C 355 6.99 5.03 -18.52
C VAL C 355 7.96 5.54 -19.59
N PRO C 356 8.84 6.51 -19.25
CA PRO C 356 9.48 7.22 -20.35
C PRO C 356 10.78 6.62 -20.87
N GLY C 357 10.91 5.28 -20.83
CA GLY C 357 12.08 4.63 -21.39
C GLY C 357 11.78 3.36 -22.15
N ALA C 358 10.79 2.61 -21.66
CA ALA C 358 10.59 1.18 -22.03
C ALA C 358 10.50 0.73 -23.51
N GLY C 359 10.36 1.66 -24.45
CA GLY C 359 10.33 1.27 -25.88
C GLY C 359 11.68 0.80 -26.35
N ALA C 360 12.70 1.49 -25.84
CA ALA C 360 14.08 1.10 -25.94
C ALA C 360 14.26 -0.30 -25.38
N ILE C 361 14.01 -0.39 -24.09
CA ILE C 361 14.17 -1.63 -23.36
C ILE C 361 13.44 -2.79 -24.04
N MET C 362 12.19 -2.56 -24.42
CA MET C 362 11.40 -3.61 -25.02
C MET C 362 11.74 -3.92 -26.47
N LEU C 363 12.40 -2.97 -27.15
CA LEU C 363 12.89 -3.16 -28.54
C LEU C 363 13.68 -4.46 -28.69
N ALA C 364 14.46 -4.78 -27.65
CA ALA C 364 15.12 -6.09 -27.45
C ALA C 364 14.32 -7.32 -27.87
N MET C 365 13.05 -7.38 -27.47
CA MET C 365 12.17 -8.52 -27.76
C MET C 365 11.84 -8.66 -29.25
N VAL C 366 11.88 -7.55 -29.99
CA VAL C 366 11.65 -7.61 -31.42
C VAL C 366 12.98 -7.83 -32.15
N LEU C 367 14.09 -7.65 -31.41
CA LEU C 367 15.44 -7.93 -31.94
C LEU C 367 15.80 -9.40 -31.91
N HIS C 368 15.63 -10.05 -30.75
CA HIS C 368 15.73 -11.52 -30.63
C HIS C 368 14.68 -12.28 -31.49
N SER C 369 13.66 -11.56 -31.97
CA SER C 369 12.66 -12.09 -32.91
C SER C 369 13.19 -12.14 -34.34
N VAL C 370 14.02 -11.16 -34.68
CA VAL C 370 14.72 -11.07 -35.98
C VAL C 370 16.06 -11.78 -35.92
N GLY C 371 16.40 -12.27 -34.72
CA GLY C 371 17.59 -13.07 -34.49
C GLY C 371 18.86 -12.25 -34.45
N LEU C 372 18.93 -11.28 -33.53
CA LEU C 372 20.16 -10.52 -33.30
C LEU C 372 20.19 -9.95 -31.89
N PRO C 373 20.55 -10.79 -30.90
CA PRO C 373 20.46 -10.45 -29.49
C PRO C 373 21.56 -9.53 -29.00
N LEU C 374 21.28 -8.89 -27.86
CA LEU C 374 22.18 -7.96 -27.16
C LEU C 374 23.36 -8.70 -26.50
N THR C 375 23.50 -9.98 -26.85
CA THR C 375 24.66 -10.74 -26.42
C THR C 375 25.81 -10.53 -27.42
N ASP C 376 25.52 -10.66 -28.74
CA ASP C 376 26.49 -10.40 -29.84
C ASP C 376 26.92 -8.94 -29.83
N PRO C 377 28.09 -8.63 -29.24
CA PRO C 377 28.33 -7.34 -28.59
C PRO C 377 28.54 -6.15 -29.52
N ASN C 378 28.37 -6.41 -30.82
CA ASN C 378 28.22 -5.37 -31.84
C ASN C 378 26.76 -4.89 -31.97
N VAL C 379 25.81 -5.84 -31.93
CA VAL C 379 24.39 -5.55 -31.70
C VAL C 379 24.31 -4.65 -30.46
N ALA C 380 24.77 -5.20 -29.33
CA ALA C 380 24.78 -4.46 -28.07
C ALA C 380 25.63 -3.17 -28.13
N ALA C 381 26.35 -2.94 -29.21
CA ALA C 381 27.11 -1.71 -29.36
C ALA C 381 26.37 -0.68 -30.23
N ALA C 382 25.37 -1.16 -31.00
CA ALA C 382 24.45 -0.31 -31.80
C ALA C 382 23.25 0.12 -30.98
N TYR C 383 22.63 -0.88 -30.36
CA TYR C 383 21.56 -0.66 -29.42
C TYR C 383 21.98 0.33 -28.33
N ALA C 384 23.26 0.42 -28.03
CA ALA C 384 23.71 1.36 -27.01
C ALA C 384 23.96 2.73 -27.63
N MET C 385 23.95 2.76 -28.94
CA MET C 385 24.07 4.01 -29.66
C MET C 385 22.70 4.69 -29.73
N ILE C 386 21.73 3.92 -30.23
CA ILE C 386 20.28 4.21 -30.17
C ILE C 386 19.86 4.82 -28.84
N LEU C 387 20.24 4.13 -27.76
CA LEU C 387 19.83 4.42 -26.41
C LEU C 387 20.46 5.72 -25.98
N GLY C 388 21.46 6.16 -26.73
CA GLY C 388 22.15 7.40 -26.45
C GLY C 388 21.28 8.61 -26.74
N ILE C 389 20.30 8.40 -27.62
CA ILE C 389 19.31 9.43 -27.98
C ILE C 389 17.88 8.91 -27.86
N ASP C 390 17.60 8.16 -26.80
CA ASP C 390 16.27 7.59 -26.72
C ASP C 390 15.23 8.59 -26.31
N ALA C 391 15.55 9.38 -25.30
CA ALA C 391 14.62 10.40 -24.87
C ALA C 391 14.21 11.40 -26.00
N ILE C 392 15.04 11.56 -27.04
CA ILE C 392 14.63 12.35 -28.21
C ILE C 392 13.55 11.61 -29.00
N LEU C 393 13.85 10.38 -29.36
CA LEU C 393 12.88 9.53 -30.01
C LEU C 393 11.67 9.30 -29.13
N ASP C 394 11.83 9.45 -27.82
CA ASP C 394 10.76 9.14 -26.90
C ASP C 394 9.63 10.16 -26.94
N MET C 395 9.97 11.44 -26.81
CA MET C 395 9.02 12.53 -26.90
C MET C 395 8.04 12.38 -28.05
N GLY C 396 8.59 12.32 -29.27
CA GLY C 396 7.83 12.08 -30.49
C GLY C 396 6.97 10.85 -30.34
N ARG C 397 7.62 9.69 -30.33
CA ARG C 397 6.95 8.38 -30.16
C ARG C 397 5.80 8.38 -29.16
N THR C 398 6.02 8.92 -27.96
CA THR C 398 5.03 8.95 -26.88
C THR C 398 3.79 9.73 -27.28
N MET C 399 4.01 10.96 -27.73
CA MET C 399 2.94 11.84 -28.11
C MET C 399 1.99 11.16 -29.10
N VAL C 400 2.55 10.41 -30.05
CA VAL C 400 1.78 9.59 -30.97
C VAL C 400 1.15 8.35 -30.32
N ASN C 401 1.71 7.92 -29.20
CA ASN C 401 1.13 6.78 -28.51
C ASN C 401 -0.20 7.21 -27.91
N VAL C 402 -0.23 8.44 -27.37
CA VAL C 402 -1.39 9.04 -26.71
C VAL C 402 -2.47 9.44 -27.71
N THR C 403 -2.03 10.16 -28.74
CA THR C 403 -2.90 10.62 -29.82
C THR C 403 -3.74 9.48 -30.37
N GLY C 404 -3.08 8.39 -30.73
CA GLY C 404 -3.77 7.16 -31.08
C GLY C 404 -4.84 6.67 -30.12
N ASP C 405 -4.69 6.99 -28.83
CA ASP C 405 -5.75 6.67 -27.89
C ASP C 405 -6.94 7.62 -28.10
N LEU C 406 -6.65 8.91 -28.22
CA LEU C 406 -7.72 9.88 -28.37
C LEU C 406 -8.47 9.66 -29.66
N THR C 407 -7.71 9.50 -30.73
CA THR C 407 -8.26 9.16 -32.03
C THR C 407 -9.22 8.00 -31.83
N GLY C 408 -8.70 6.85 -31.42
CA GLY C 408 -9.54 5.68 -31.27
C GLY C 408 -10.72 5.84 -30.35
N THR C 409 -10.50 6.51 -29.22
CA THR C 409 -11.56 6.74 -28.27
C THR C 409 -12.66 7.50 -29.00
N ALA C 410 -12.28 8.67 -29.53
CA ALA C 410 -13.16 9.58 -30.28
C ALA C 410 -13.95 8.88 -31.40
N ILE C 411 -13.22 8.19 -32.29
CA ILE C 411 -13.83 7.36 -33.32
C ILE C 411 -14.84 6.42 -32.74
N VAL C 412 -14.46 5.65 -31.73
CA VAL C 412 -15.38 4.67 -31.16
C VAL C 412 -16.48 5.35 -30.36
N ALA C 413 -16.14 6.49 -29.75
CA ALA C 413 -17.10 7.34 -29.04
C ALA C 413 -18.23 7.79 -29.97
N LYS C 414 -17.88 8.14 -31.21
CA LYS C 414 -18.84 8.51 -32.26
C LYS C 414 -19.63 7.31 -32.83
N THR C 415 -19.00 6.13 -32.86
CA THR C 415 -19.69 4.91 -33.30
C THR C 415 -20.80 4.55 -32.33
N GLU C 416 -20.53 4.62 -31.02
CA GLU C 416 -21.58 4.40 -30.06
C GLU C 416 -22.35 5.71 -29.82
#